data_8SXY
#
_entry.id   8SXY
#
_cell.length_a   56.455
_cell.length_b   128.796
_cell.length_c   58.663
_cell.angle_alpha   90.00
_cell.angle_beta   111.09
_cell.angle_gamma   90.00
#
_symmetry.space_group_name_H-M   'P 1 21 1'
#
loop_
_entity.id
_entity.type
_entity.pdbx_description
1 polymer 'UDP-2,3-diacetamido-2,3-dideoxy-glucuronic acid-2-epimerase'
2 non-polymer '(2~{S},3~{S},4~{R},5~{S},6~{R})-4,5-diacetamido-6-[[[(2~{R},3~{S},4~{R},5~{R})-5-[2,4-bis(oxidanylidene)pyrimidin-1-yl]-3,4-bis(oxidanyl)oxolan-2-yl]methoxy-oxidanyl-phosphoryl]oxy-oxidanyl-phosphoryl]oxy-3-oxidanyl-oxane-2-carboxylic acid'
3 non-polymer 'CHLORIDE ION'
4 water water
#
_entity_poly.entity_id   1
_entity_poly.type   'polypeptide(L)'
_entity_poly.pdbx_seq_one_letter_code
;MWVKILSVVGARPQFIKAAAVSRVLRASPGVREVLVHTGQHYDDNMSQVFFEELEIPDPDYHLGIGGGTHGQNTGRMLEA
IEGVLLKEKPDWVLVYGDTDSTLAGALAAVKLHIPVAHVEAGLRSFNRRMPEEINRILTDHASDLLFAPTETAVQNLLRE
GIPENRIHLVGDVMYDAALHYGAKAERKSRILERLGLQAKGYVLATIHRAENTDDQERLRVILEALAEVHQEVPVVFPVH
PRTRKRAEAFGLGSYLEKVVALEPVGYLDMVMLEKNARLIVTDSGGVQKEAYFYRVPCVTVREETEWVELLKAEWNYLAA
PQNAKDLALTILHRMRTKGVEIDLYGDGRASQKISDFLRKVGIRTLEHHHHHH
;
_entity_poly.pdbx_strand_id   A,B
#
loop_
_chem_comp.id
_chem_comp.type
_chem_comp.name
_chem_comp.formula
CL non-polymer 'CHLORIDE ION' 'Cl -1'
MJ3 non-polymer '(2~{S},3~{S},4~{R},5~{S},6~{R})-4,5-diacetamido-6-[[[(2~{R},3~{S},4~{R},5~{R})-5-[2,4-bis(oxidanylidene)pyrimidin-1-yl]-3,4-bis(oxidanyl)oxolan-2-yl]methoxy-oxidanyl-phosphoryl]oxy-oxidanyl-phosphoryl]oxy-3-oxidanyl-oxane-2-carboxylic acid' 'C19 H28 N4 O18 P2'
#
# COMPACT_ATOMS: atom_id res chain seq x y z
N TRP A 2 -20.00 -14.41 18.89
CA TRP A 2 -19.26 -13.15 19.19
C TRP A 2 -18.34 -12.81 18.01
N VAL A 3 -17.94 -11.53 17.93
CA VAL A 3 -17.00 -11.03 16.93
C VAL A 3 -15.78 -10.48 17.68
N LYS A 4 -14.58 -10.74 17.15
CA LYS A 4 -13.37 -10.18 17.71
C LYS A 4 -12.90 -9.04 16.80
N ILE A 5 -12.75 -7.85 17.40
CA ILE A 5 -12.35 -6.64 16.69
C ILE A 5 -11.00 -6.20 17.23
N LEU A 6 -9.96 -6.23 16.38
CA LEU A 6 -8.61 -5.95 16.85
C LEU A 6 -8.19 -4.58 16.34
N SER A 7 -7.71 -3.75 17.26
CA SER A 7 -7.32 -2.37 16.96
C SER A 7 -5.80 -2.29 16.95
N VAL A 8 -5.23 -1.65 15.92
CA VAL A 8 -3.81 -1.38 15.81
C VAL A 8 -3.61 0.12 16.04
N VAL A 9 -2.80 0.49 17.05
CA VAL A 9 -2.53 1.89 17.38
C VAL A 9 -1.03 2.07 17.55
N GLY A 10 -0.51 3.18 17.02
CA GLY A 10 0.91 3.45 17.02
C GLY A 10 1.32 4.71 17.77
N ALA A 11 0.44 5.71 17.84
CA ALA A 11 0.81 7.05 18.25
C ALA A 11 -0.31 7.66 19.10
N ARG A 12 0.05 8.69 19.88
CA ARG A 12 -0.85 9.50 20.71
C ARG A 12 -2.22 9.69 20.04
N PRO A 13 -2.32 10.36 18.87
CA PRO A 13 -3.65 10.61 18.30
C PRO A 13 -4.45 9.34 17.99
N GLN A 14 -3.76 8.20 17.76
CA GLN A 14 -4.43 6.94 17.51
C GLN A 14 -4.97 6.38 18.83
N PHE A 15 -4.22 6.53 19.92
CA PHE A 15 -4.76 6.13 21.21
C PHE A 15 -6.05 6.89 21.56
N ILE A 16 -6.11 8.18 21.22
CA ILE A 16 -7.29 8.98 21.53
C ILE A 16 -8.48 8.55 20.67
N LYS A 17 -8.25 8.28 19.38
CA LYS A 17 -9.34 7.80 18.54
C LYS A 17 -9.82 6.43 19.02
N ALA A 18 -8.87 5.54 19.34
CA ALA A 18 -9.18 4.17 19.76
C ALA A 18 -9.93 4.17 21.09
N ALA A 19 -9.67 5.17 21.95
CA ALA A 19 -10.35 5.32 23.22
C ALA A 19 -11.85 5.46 23.00
N ALA A 20 -12.25 6.35 22.09
CA ALA A 20 -13.66 6.54 21.85
C ALA A 20 -14.32 5.26 21.34
N VAL A 21 -13.64 4.57 20.41
CA VAL A 21 -14.24 3.43 19.73
C VAL A 21 -14.35 2.29 20.73
N SER A 22 -13.28 2.09 21.50
CA SER A 22 -13.18 1.02 22.48
C SER A 22 -14.27 1.17 23.54
N ARG A 23 -14.57 2.41 23.93
CA ARG A 23 -15.59 2.65 24.94
C ARG A 23 -16.93 2.09 24.47
N VAL A 24 -17.24 2.24 23.16
CA VAL A 24 -18.51 1.77 22.63
C VAL A 24 -18.49 0.25 22.46
N LEU A 25 -17.38 -0.30 21.94
CA LEU A 25 -17.25 -1.73 21.68
C LEU A 25 -17.22 -2.53 22.98
N ARG A 26 -16.69 -1.95 24.07
CA ARG A 26 -16.66 -2.64 25.36
C ARG A 26 -18.09 -2.88 25.82
N ALA A 27 -18.96 -1.89 25.63
CA ALA A 27 -20.34 -1.95 26.07
C ALA A 27 -21.19 -2.81 25.14
N SER A 28 -20.62 -3.40 24.10
CA SER A 28 -21.42 -4.11 23.11
C SER A 28 -21.41 -5.60 23.42
N PRO A 29 -22.53 -6.29 23.17
CA PRO A 29 -22.75 -7.64 23.69
C PRO A 29 -21.69 -8.64 23.21
N GLY A 30 -21.84 -9.11 21.96
CA GLY A 30 -20.95 -10.14 21.42
C GLY A 30 -19.76 -9.53 20.68
N VAL A 31 -18.94 -8.74 21.39
CA VAL A 31 -17.74 -8.16 20.82
C VAL A 31 -16.58 -8.34 21.79
N ARG A 32 -15.50 -8.97 21.31
CA ARG A 32 -14.25 -8.97 22.05
CA ARG A 32 -14.23 -9.04 22.01
C ARG A 32 -13.25 -8.08 21.32
N GLU A 33 -12.60 -7.22 22.12
CA GLU A 33 -11.63 -6.26 21.65
C GLU A 33 -10.23 -6.79 21.93
N VAL A 34 -9.34 -6.67 20.94
CA VAL A 34 -7.93 -6.87 21.17
C VAL A 34 -7.22 -5.59 20.74
N LEU A 35 -6.25 -5.12 21.52
CA LEU A 35 -5.55 -3.89 21.22
C LEU A 35 -4.06 -4.18 21.05
N VAL A 36 -3.51 -3.78 19.90
CA VAL A 36 -2.10 -3.98 19.61
C VAL A 36 -1.45 -2.61 19.57
N HIS A 37 -0.49 -2.34 20.45
CA HIS A 37 0.31 -1.13 20.41
C HIS A 37 1.60 -1.41 19.66
N THR A 38 1.91 -0.64 18.61
CA THR A 38 3.01 -1.01 17.71
C THR A 38 4.35 -0.47 18.20
N GLY A 39 4.31 0.57 19.05
CA GLY A 39 5.49 0.95 19.80
C GLY A 39 6.06 2.30 19.37
N GLN A 40 5.43 2.92 18.35
CA GLN A 40 5.81 4.24 17.84
C GLN A 40 5.94 5.24 18.99
N HIS A 41 4.83 5.51 19.72
CA HIS A 41 4.89 6.29 20.94
C HIS A 41 4.89 5.32 22.12
N TYR A 42 6.03 5.25 22.83
CA TYR A 42 6.22 4.31 23.92
C TYR A 42 6.92 5.03 25.08
N ASP A 43 6.28 6.11 25.53
CA ASP A 43 6.79 6.97 26.58
C ASP A 43 5.83 6.89 27.77
N ASP A 44 5.93 7.85 28.69
CA ASP A 44 4.85 8.13 29.63
C ASP A 44 3.94 9.20 29.03
N ASN A 45 4.50 10.37 28.70
CA ASN A 45 3.70 11.53 28.36
C ASN A 45 3.25 11.48 26.90
N MET A 46 3.70 10.46 26.14
CA MET A 46 3.28 10.27 24.76
C MET A 46 2.43 9.01 24.60
N SER A 47 2.26 8.22 25.67
CA SER A 47 1.61 6.93 25.53
C SER A 47 0.85 6.54 26.80
N GLN A 48 1.57 6.18 27.87
CA GLN A 48 0.94 5.60 29.06
C GLN A 48 -0.13 6.54 29.65
N VAL A 49 0.09 7.85 29.61
CA VAL A 49 -0.87 8.79 30.20
C VAL A 49 -2.19 8.69 29.46
N PHE A 50 -2.15 8.34 28.16
CA PHE A 50 -3.38 8.22 27.40
C PHE A 50 -4.16 6.99 27.88
N PHE A 51 -3.44 5.89 28.12
CA PHE A 51 -4.06 4.65 28.56
C PHE A 51 -4.79 4.86 29.90
N GLU A 52 -4.13 5.54 30.86
CA GLU A 52 -4.69 5.72 32.20
CA GLU A 52 -4.70 5.71 32.19
C GLU A 52 -5.87 6.69 32.11
N GLU A 53 -5.62 7.91 31.64
CA GLU A 53 -6.62 8.97 31.64
C GLU A 53 -7.84 8.60 30.80
N LEU A 54 -7.64 7.92 29.68
CA LEU A 54 -8.76 7.67 28.79
C LEU A 54 -9.36 6.29 29.01
N GLU A 55 -8.89 5.58 30.05
CA GLU A 55 -9.52 4.35 30.55
C GLU A 55 -9.46 3.26 29.49
N ILE A 56 -8.32 3.19 28.78
CA ILE A 56 -8.10 2.21 27.73
C ILE A 56 -7.50 0.98 28.41
N PRO A 57 -8.07 -0.23 28.26
CA PRO A 57 -7.45 -1.41 28.87
C PRO A 57 -6.03 -1.63 28.32
N ASP A 58 -5.11 -2.07 29.18
CA ASP A 58 -3.73 -2.31 28.78
CA ASP A 58 -3.73 -2.25 28.75
C ASP A 58 -3.72 -3.07 27.45
N PRO A 59 -2.92 -2.67 26.44
CA PRO A 59 -2.81 -3.45 25.19
C PRO A 59 -2.51 -4.93 25.43
N ASP A 60 -3.12 -5.78 24.63
CA ASP A 60 -2.85 -7.21 24.68
C ASP A 60 -1.44 -7.49 24.17
N TYR A 61 -0.92 -6.60 23.32
CA TYR A 61 0.40 -6.74 22.70
C TYR A 61 1.06 -5.37 22.58
N HIS A 62 2.35 -5.31 22.95
CA HIS A 62 3.23 -4.20 22.64
C HIS A 62 4.39 -4.66 21.76
N LEU A 63 4.49 -4.14 20.53
CA LEU A 63 5.44 -4.69 19.57
C LEU A 63 6.82 -4.07 19.76
N GLY A 64 6.88 -2.87 20.34
CA GLY A 64 8.14 -2.23 20.63
C GLY A 64 8.95 -1.79 19.40
N ILE A 65 8.27 -1.45 18.30
CA ILE A 65 8.97 -1.09 17.07
C ILE A 65 8.95 0.43 16.91
N GLY A 66 10.07 1.02 16.51
CA GLY A 66 10.12 2.46 16.33
C GLY A 66 11.54 2.99 16.14
N GLY A 67 11.63 4.25 15.68
CA GLY A 67 12.89 4.97 15.64
C GLY A 67 13.77 4.66 14.42
N GLY A 68 13.32 3.85 13.48
CA GLY A 68 14.10 3.57 12.28
C GLY A 68 13.62 4.38 11.09
N THR A 69 14.00 3.92 9.90
CA THR A 69 13.56 4.48 8.64
C THR A 69 12.10 4.09 8.41
N HIS A 70 11.49 4.63 7.36
CA HIS A 70 10.17 4.14 6.95
C HIS A 70 10.20 2.64 6.67
N GLY A 71 11.23 2.18 5.95
CA GLY A 71 11.30 0.78 5.54
C GLY A 71 11.51 -0.15 6.73
N GLN A 72 12.31 0.28 7.71
CA GLN A 72 12.56 -0.57 8.87
C GLN A 72 11.28 -0.65 9.69
N ASN A 73 10.73 0.50 10.05
CA ASN A 73 9.60 0.57 10.96
C ASN A 73 8.43 -0.19 10.33
N THR A 74 8.15 0.12 9.06
CA THR A 74 7.00 -0.47 8.40
C THR A 74 7.21 -1.96 8.23
N GLY A 75 8.38 -2.38 7.71
CA GLY A 75 8.64 -3.78 7.48
C GLY A 75 8.57 -4.63 8.75
N ARG A 76 9.18 -4.14 9.81
CA ARG A 76 9.14 -4.90 11.06
C ARG A 76 7.73 -4.93 11.60
N MET A 77 7.01 -3.82 11.49
CA MET A 77 5.63 -3.79 11.98
C MET A 77 4.73 -4.75 11.21
N LEU A 78 4.91 -4.79 9.88
CA LEU A 78 4.10 -5.66 9.03
C LEU A 78 4.26 -7.12 9.46
N GLU A 79 5.52 -7.57 9.66
CA GLU A 79 5.81 -8.91 10.12
C GLU A 79 5.23 -9.14 11.53
N ALA A 80 5.42 -8.19 12.46
CA ALA A 80 5.04 -8.42 13.86
C ALA A 80 3.52 -8.39 14.05
N ILE A 81 2.84 -7.42 13.41
CA ILE A 81 1.39 -7.38 13.39
C ILE A 81 0.82 -8.67 12.82
N GLU A 82 1.33 -9.13 11.66
CA GLU A 82 0.86 -10.39 11.09
C GLU A 82 0.96 -11.51 12.13
N GLY A 83 2.05 -11.54 12.89
CA GLY A 83 2.25 -12.62 13.84
C GLY A 83 1.11 -12.67 14.85
N VAL A 84 0.68 -11.48 15.29
CA VAL A 84 -0.41 -11.34 16.24
C VAL A 84 -1.73 -11.73 15.58
N LEU A 85 -1.93 -11.32 14.32
CA LEU A 85 -3.16 -11.64 13.62
C LEU A 85 -3.32 -13.16 13.47
N LEU A 86 -2.22 -13.88 13.24
CA LEU A 86 -2.22 -15.33 13.11
C LEU A 86 -2.62 -16.00 14.43
N LYS A 87 -2.20 -15.45 15.55
CA LYS A 87 -2.59 -15.98 16.86
C LYS A 87 -4.08 -15.70 17.10
N GLU A 88 -4.51 -14.44 16.90
CA GLU A 88 -5.76 -13.95 17.45
C GLU A 88 -6.94 -14.20 16.53
N LYS A 89 -6.68 -14.28 15.22
CA LYS A 89 -7.70 -14.55 14.22
C LYS A 89 -8.91 -13.63 14.41
N PRO A 90 -8.71 -12.30 14.41
CA PRO A 90 -9.82 -11.36 14.60
C PRO A 90 -10.75 -11.42 13.39
N ASP A 91 -12.02 -11.06 13.58
CA ASP A 91 -12.97 -10.93 12.49
C ASP A 91 -12.83 -9.60 11.76
N TRP A 92 -12.38 -8.58 12.48
CA TRP A 92 -12.09 -7.24 11.94
C TRP A 92 -10.75 -6.74 12.47
N VAL A 93 -10.03 -6.02 11.60
CA VAL A 93 -8.92 -5.20 12.05
C VAL A 93 -9.29 -3.75 11.79
N LEU A 94 -9.12 -2.92 12.81
CA LEU A 94 -9.33 -1.48 12.67
C LEU A 94 -7.97 -0.81 12.71
N VAL A 95 -7.77 0.07 11.74
CA VAL A 95 -6.59 0.90 11.70
C VAL A 95 -7.07 2.35 11.68
N TYR A 96 -6.21 3.23 12.23
CA TYR A 96 -6.57 4.59 12.56
C TYR A 96 -5.60 5.62 11.98
N GLY A 97 -6.11 6.74 11.46
CA GLY A 97 -5.23 7.81 11.03
C GLY A 97 -4.36 7.40 9.84
N ASP A 98 -3.07 7.78 9.83
CA ASP A 98 -2.30 7.76 8.59
C ASP A 98 -0.78 7.63 8.80
N THR A 99 -0.34 6.94 9.84
CA THR A 99 1.07 6.68 10.04
C THR A 99 1.50 5.38 9.37
N ASP A 100 2.81 5.07 9.47
CA ASP A 100 3.30 3.79 8.97
C ASP A 100 2.63 2.59 9.68
N SER A 101 2.28 2.73 10.98
CA SER A 101 1.56 1.73 11.76
C SER A 101 0.23 1.41 11.07
N THR A 102 -0.46 2.48 10.65
CA THR A 102 -1.75 2.34 10.02
C THR A 102 -1.60 1.46 8.79
N LEU A 103 -0.62 1.75 7.92
CA LEU A 103 -0.45 1.03 6.66
C LEU A 103 -0.04 -0.41 6.94
N ALA A 104 0.87 -0.56 7.88
CA ALA A 104 1.36 -1.89 8.22
C ALA A 104 0.23 -2.79 8.70
N GLY A 105 -0.68 -2.25 9.52
CA GLY A 105 -1.79 -3.05 10.05
C GLY A 105 -2.73 -3.50 8.94
N ALA A 106 -3.08 -2.56 8.06
CA ALA A 106 -3.97 -2.84 6.95
C ALA A 106 -3.35 -3.90 6.05
N LEU A 107 -2.08 -3.73 5.71
CA LEU A 107 -1.40 -4.66 4.83
C LEU A 107 -1.22 -6.04 5.48
N ALA A 108 -0.95 -6.09 6.79
CA ALA A 108 -0.85 -7.37 7.48
C ALA A 108 -2.19 -8.11 7.37
N ALA A 109 -3.30 -7.38 7.58
CA ALA A 109 -4.61 -8.02 7.67
C ALA A 109 -5.11 -8.51 6.32
N VAL A 110 -4.98 -7.69 5.27
CA VAL A 110 -5.68 -7.96 4.01
C VAL A 110 -5.10 -9.21 3.36
N LYS A 111 -3.80 -9.47 3.58
CA LYS A 111 -3.15 -10.64 3.03
C LYS A 111 -3.60 -11.92 3.74
N LEU A 112 -4.12 -11.81 5.00
CA LEU A 112 -4.73 -12.93 5.70
C LEU A 112 -6.26 -12.98 5.51
N HIS A 113 -6.81 -12.19 4.60
CA HIS A 113 -8.24 -12.16 4.33
C HIS A 113 -9.03 -11.74 5.57
N ILE A 114 -8.45 -10.89 6.41
CA ILE A 114 -9.16 -10.34 7.55
C ILE A 114 -9.73 -8.98 7.14
N PRO A 115 -11.06 -8.77 7.20
CA PRO A 115 -11.63 -7.46 6.87
C PRO A 115 -10.97 -6.31 7.64
N VAL A 116 -10.70 -5.22 6.91
CA VAL A 116 -10.05 -4.04 7.47
C VAL A 116 -11.00 -2.87 7.37
N ALA A 117 -11.09 -2.11 8.46
CA ALA A 117 -11.78 -0.84 8.44
C ALA A 117 -10.84 0.28 8.85
N HIS A 118 -10.91 1.38 8.10
CA HIS A 118 -10.09 2.55 8.35
C HIS A 118 -10.91 3.62 9.06
N VAL A 119 -10.55 3.88 10.31
CA VAL A 119 -11.09 4.99 11.09
C VAL A 119 -10.32 6.26 10.73
N GLU A 120 -11.07 7.25 10.24
CA GLU A 120 -10.58 8.48 9.65
C GLU A 120 -10.03 8.19 8.25
N ALA A 121 -10.97 8.02 7.30
CA ALA A 121 -10.70 7.58 5.94
C ALA A 121 -10.97 8.73 4.98
N GLY A 122 -10.15 8.84 3.94
CA GLY A 122 -10.34 9.71 2.80
C GLY A 122 -9.81 11.13 2.96
N LEU A 123 -8.98 11.45 3.96
CA LEU A 123 -8.38 12.78 4.04
C LEU A 123 -7.25 12.90 3.01
N ARG A 124 -7.17 14.07 2.34
CA ARG A 124 -6.15 14.28 1.33
C ARG A 124 -5.58 15.69 1.44
N SER A 125 -4.27 15.78 1.37
CA SER A 125 -3.53 17.02 1.20
C SER A 125 -3.22 17.27 -0.28
N PHE A 126 -3.28 16.23 -1.11
CA PHE A 126 -2.89 16.30 -2.52
C PHE A 126 -1.40 16.63 -2.68
N ASN A 127 -0.61 16.39 -1.64
CA ASN A 127 0.83 16.49 -1.74
C ASN A 127 1.39 15.08 -1.59
N ARG A 128 1.69 14.45 -2.72
CA ARG A 128 1.97 13.02 -2.79
C ARG A 128 3.31 12.69 -2.17
N ARG A 129 4.16 13.70 -1.95
CA ARG A 129 5.45 13.49 -1.34
C ARG A 129 5.37 13.29 0.18
N MET A 130 4.25 13.66 0.81
CA MET A 130 4.04 13.54 2.25
CA MET A 130 4.18 13.53 2.25
C MET A 130 3.93 12.05 2.56
N PRO A 131 4.68 11.46 3.52
CA PRO A 131 4.53 10.03 3.79
C PRO A 131 3.13 9.62 4.22
N GLU A 132 2.47 10.46 5.01
CA GLU A 132 1.13 10.13 5.48
C GLU A 132 0.08 10.19 4.35
N GLU A 133 0.32 11.02 3.32
CA GLU A 133 -0.56 11.05 2.17
C GLU A 133 -0.53 9.69 1.47
N ILE A 134 0.68 9.17 1.21
CA ILE A 134 0.83 7.82 0.70
C ILE A 134 0.14 6.81 1.65
N ASN A 135 0.35 6.96 2.95
CA ASN A 135 -0.23 5.98 3.87
C ASN A 135 -1.76 5.96 3.79
N ARG A 136 -2.42 7.12 3.77
CA ARG A 136 -3.87 7.08 3.81
C ARG A 136 -4.43 6.64 2.47
N ILE A 137 -3.78 7.02 1.36
CA ILE A 137 -4.22 6.54 0.07
C ILE A 137 -4.16 5.01 0.04
N LEU A 138 -3.00 4.42 0.39
CA LEU A 138 -2.85 2.99 0.29
C LEU A 138 -3.78 2.30 1.27
N THR A 139 -3.88 2.81 2.51
CA THR A 139 -4.76 2.23 3.53
C THR A 139 -6.21 2.18 3.00
N ASP A 140 -6.68 3.30 2.44
CA ASP A 140 -8.06 3.44 2.00
C ASP A 140 -8.36 2.44 0.89
N HIS A 141 -7.42 2.25 -0.05
CA HIS A 141 -7.66 1.31 -1.12
C HIS A 141 -7.53 -0.13 -0.62
N ALA A 142 -6.85 -0.34 0.51
CA ALA A 142 -6.73 -1.70 1.02
C ALA A 142 -7.94 -2.06 1.86
N SER A 143 -8.75 -1.07 2.28
CA SER A 143 -9.75 -1.30 3.31
C SER A 143 -11.05 -1.86 2.73
N ASP A 144 -11.79 -2.57 3.59
CA ASP A 144 -13.12 -3.06 3.28
C ASP A 144 -14.19 -2.03 3.68
N LEU A 145 -13.97 -1.29 4.79
CA LEU A 145 -14.88 -0.23 5.20
C LEU A 145 -14.05 1.03 5.46
N LEU A 146 -14.61 2.16 5.04
CA LEU A 146 -13.99 3.47 5.09
C LEU A 146 -14.90 4.39 5.91
N PHE A 147 -14.45 4.70 7.14
CA PHE A 147 -15.17 5.56 8.05
C PHE A 147 -14.63 6.98 7.89
N ALA A 148 -15.35 7.72 7.03
CA ALA A 148 -15.02 9.10 6.70
C ALA A 148 -15.63 10.07 7.71
N PRO A 149 -14.85 11.08 8.17
CA PRO A 149 -15.39 12.10 9.09
C PRO A 149 -16.08 13.34 8.48
N THR A 150 -15.90 13.56 7.16
CA THR A 150 -16.38 14.74 6.47
C THR A 150 -16.88 14.34 5.09
N GLU A 151 -17.70 15.22 4.52
CA GLU A 151 -18.16 15.08 3.15
C GLU A 151 -16.98 15.21 2.19
N THR A 152 -15.99 16.06 2.49
CA THR A 152 -14.84 16.14 1.61
C THR A 152 -14.13 14.79 1.50
N ALA A 153 -14.01 14.11 2.64
CA ALA A 153 -13.42 12.79 2.71
C ALA A 153 -14.22 11.79 1.85
N VAL A 154 -15.55 11.81 1.96
CA VAL A 154 -16.37 10.95 1.13
C VAL A 154 -16.08 11.24 -0.33
N GLN A 155 -16.04 12.53 -0.71
CA GLN A 155 -15.86 12.88 -2.12
C GLN A 155 -14.49 12.40 -2.63
N ASN A 156 -13.49 12.51 -1.77
CA ASN A 156 -12.12 12.11 -2.10
C ASN A 156 -12.06 10.60 -2.39
N LEU A 157 -12.76 9.80 -1.58
CA LEU A 157 -12.78 8.36 -1.77
C LEU A 157 -13.54 7.98 -3.03
N LEU A 158 -14.65 8.64 -3.33
CA LEU A 158 -15.43 8.38 -4.55
C LEU A 158 -14.62 8.74 -5.77
N ARG A 159 -13.83 9.83 -5.69
CA ARG A 159 -13.03 10.26 -6.83
C ARG A 159 -11.95 9.22 -7.21
N GLU A 160 -11.56 8.35 -6.26
CA GLU A 160 -10.51 7.36 -6.47
C GLU A 160 -11.11 5.98 -6.71
N GLY A 161 -12.40 5.96 -7.08
CA GLY A 161 -13.08 4.76 -7.56
C GLY A 161 -13.47 3.82 -6.44
N ILE A 162 -13.44 4.29 -5.19
CA ILE A 162 -13.88 3.41 -4.12
C ILE A 162 -15.40 3.43 -4.13
N PRO A 163 -16.06 2.24 -4.13
CA PRO A 163 -17.52 2.16 -4.28
C PRO A 163 -18.27 2.74 -3.08
N GLU A 164 -19.41 3.38 -3.37
CA GLU A 164 -20.18 4.09 -2.36
C GLU A 164 -20.58 3.17 -1.21
N ASN A 165 -20.82 1.88 -1.49
CA ASN A 165 -21.30 1.01 -0.42
C ASN A 165 -20.23 0.66 0.61
N ARG A 166 -18.94 0.99 0.38
CA ARG A 166 -17.88 0.75 1.37
C ARG A 166 -17.63 1.99 2.24
N ILE A 167 -18.20 3.13 1.86
CA ILE A 167 -17.90 4.42 2.48
C ILE A 167 -19.05 4.83 3.39
N HIS A 168 -18.77 5.14 4.65
CA HIS A 168 -19.82 5.64 5.54
C HIS A 168 -19.37 6.92 6.23
N LEU A 169 -20.12 8.02 6.03
CA LEU A 169 -19.87 9.27 6.72
C LEU A 169 -20.41 9.14 8.14
N VAL A 170 -19.50 8.92 9.10
CA VAL A 170 -19.86 8.64 10.48
C VAL A 170 -19.46 9.80 11.41
N GLY A 171 -18.76 10.80 10.89
CA GLY A 171 -18.24 11.88 11.72
C GLY A 171 -16.89 11.49 12.32
N ASP A 172 -16.49 12.20 13.39
CA ASP A 172 -15.13 12.09 13.86
C ASP A 172 -15.15 11.57 15.28
N VAL A 173 -14.47 10.43 15.50
CA VAL A 173 -14.40 9.81 16.81
C VAL A 173 -13.62 10.72 17.77
N MET A 174 -12.83 11.68 17.26
CA MET A 174 -12.10 12.57 18.14
C MET A 174 -13.08 13.60 18.76
N TYR A 175 -14.19 13.84 18.08
CA TYR A 175 -15.28 14.61 18.64
C TYR A 175 -15.98 13.81 19.76
N ASP A 176 -16.23 12.53 19.50
CA ASP A 176 -16.72 11.62 20.53
C ASP A 176 -15.80 11.70 21.75
N ALA A 177 -14.49 11.64 21.53
CA ALA A 177 -13.56 11.64 22.64
C ALA A 177 -13.69 12.94 23.45
N ALA A 178 -13.73 14.10 22.77
CA ALA A 178 -13.75 15.35 23.51
C ALA A 178 -15.03 15.46 24.36
N LEU A 179 -16.14 15.07 23.73
CA LEU A 179 -17.45 15.13 24.38
C LEU A 179 -17.47 14.20 25.59
N HIS A 180 -16.96 12.97 25.46
CA HIS A 180 -17.04 12.00 26.55
C HIS A 180 -16.03 12.25 27.66
N TYR A 181 -14.82 12.76 27.39
CA TYR A 181 -13.82 12.93 28.44
C TYR A 181 -13.82 14.35 29.00
N GLY A 182 -14.68 15.24 28.48
CA GLY A 182 -14.64 16.65 28.87
C GLY A 182 -14.94 16.89 30.34
N ALA A 183 -16.01 16.24 30.84
CA ALA A 183 -16.34 16.32 32.26
C ALA A 183 -15.14 15.85 33.08
N LYS A 184 -14.60 14.68 32.73
CA LYS A 184 -13.45 14.14 33.43
C LYS A 184 -12.29 15.15 33.47
N ALA A 185 -12.03 15.86 32.36
CA ALA A 185 -10.98 16.88 32.33
C ALA A 185 -11.29 18.02 33.31
N GLU A 186 -12.54 18.45 33.38
CA GLU A 186 -12.94 19.44 34.37
C GLU A 186 -12.67 18.94 35.79
N ARG A 187 -12.94 17.67 36.09
CA ARG A 187 -12.90 17.22 37.48
C ARG A 187 -11.48 16.84 37.91
N LYS A 188 -10.51 16.70 36.98
CA LYS A 188 -9.17 16.23 37.36
C LYS A 188 -8.05 17.22 36.98
N SER A 189 -8.16 17.96 35.87
CA SER A 189 -7.05 18.79 35.45
C SER A 189 -6.95 20.06 36.29
N ARG A 190 -5.75 20.38 36.77
CA ARG A 190 -5.53 21.65 37.46
C ARG A 190 -4.42 22.44 36.78
N ILE A 191 -4.28 22.28 35.45
CA ILE A 191 -3.10 22.77 34.78
C ILE A 191 -3.08 24.29 34.78
N LEU A 192 -4.25 24.93 34.67
CA LEU A 192 -4.32 26.38 34.66
C LEU A 192 -3.77 26.96 35.97
N GLU A 193 -4.03 26.26 37.08
CA GLU A 193 -3.62 26.70 38.40
C GLU A 193 -2.12 26.50 38.56
N ARG A 194 -1.63 25.32 38.18
CA ARG A 194 -0.21 25.02 38.17
C ARG A 194 0.55 26.14 37.46
N LEU A 195 0.04 26.60 36.31
CA LEU A 195 0.84 27.45 35.42
C LEU A 195 0.54 28.92 35.66
N GLY A 196 -0.49 29.20 36.45
CA GLY A 196 -0.81 30.57 36.81
C GLY A 196 -1.39 31.31 35.62
N LEU A 197 -2.39 30.68 35.00
CA LEU A 197 -3.02 31.19 33.80
C LEU A 197 -4.46 31.58 34.12
N GLN A 198 -4.94 32.64 33.49
CA GLN A 198 -6.35 32.96 33.58
C GLN A 198 -7.06 32.32 32.37
N ALA A 199 -8.27 31.81 32.61
CA ALA A 199 -9.18 31.40 31.55
C ALA A 199 -9.25 32.51 30.52
N LYS A 200 -9.00 32.15 29.26
CA LYS A 200 -9.02 33.08 28.15
C LYS A 200 -7.96 34.16 28.32
N GLY A 201 -6.85 33.84 29.00
CA GLY A 201 -5.74 34.78 29.18
C GLY A 201 -4.42 34.28 28.58
N TYR A 202 -4.50 33.36 27.60
CA TYR A 202 -3.33 32.85 26.90
C TYR A 202 -3.72 32.31 25.53
N VAL A 203 -2.70 32.10 24.71
CA VAL A 203 -2.73 31.38 23.46
C VAL A 203 -2.01 30.05 23.69
N LEU A 204 -2.49 29.01 23.01
CA LEU A 204 -1.98 27.65 23.09
C LEU A 204 -1.37 27.30 21.73
N ALA A 205 -0.18 26.72 21.73
CA ALA A 205 0.53 26.35 20.51
C ALA A 205 0.96 24.89 20.60
N THR A 206 0.76 24.10 19.52
CA THR A 206 1.52 22.86 19.32
C THR A 206 2.08 22.81 17.90
N ILE A 207 3.31 22.31 17.77
CA ILE A 207 3.98 22.25 16.46
C ILE A 207 4.79 20.95 16.42
N HIS A 208 4.49 20.04 15.46
CA HIS A 208 5.22 18.79 15.38
C HIS A 208 5.45 18.30 13.93
N ARG A 209 4.93 18.98 12.90
CA ARG A 209 5.13 18.48 11.55
C ARG A 209 6.61 18.66 11.13
N ALA A 210 7.08 17.64 10.39
CA ALA A 210 8.43 17.58 9.88
C ALA A 210 8.74 18.79 8.98
N GLU A 211 7.75 19.20 8.17
CA GLU A 211 7.86 20.34 7.26
CA GLU A 211 7.97 20.32 7.26
C GLU A 211 8.22 21.61 8.05
N ASN A 212 7.73 21.68 9.29
CA ASN A 212 7.94 22.83 10.13
C ASN A 212 9.15 22.68 11.06
N THR A 213 9.58 21.47 11.36
CA THR A 213 10.60 21.31 12.40
C THR A 213 11.95 20.91 11.80
N ASP A 214 11.92 20.31 10.60
CA ASP A 214 13.14 19.89 9.95
C ASP A 214 13.72 21.02 9.10
N ASP A 215 12.93 22.08 8.85
CA ASP A 215 13.38 23.21 8.06
C ASP A 215 13.67 24.36 9.03
N GLN A 216 14.96 24.64 9.22
CA GLN A 216 15.43 25.60 10.21
C GLN A 216 14.73 26.95 10.04
N GLU A 217 14.58 27.43 8.81
CA GLU A 217 14.07 28.77 8.56
CA GLU A 217 14.05 28.76 8.55
C GLU A 217 12.58 28.83 8.93
N ARG A 218 11.81 27.79 8.59
CA ARG A 218 10.42 27.68 9.03
C ARG A 218 10.34 27.60 10.57
N LEU A 219 11.19 26.79 11.22
CA LEU A 219 11.08 26.65 12.67
C LEU A 219 11.48 27.95 13.37
N ARG A 220 12.44 28.68 12.80
CA ARG A 220 12.85 29.96 13.35
C ARG A 220 11.70 30.96 13.22
N VAL A 221 11.03 31.00 12.06
CA VAL A 221 9.88 31.89 11.90
C VAL A 221 8.85 31.59 12.98
N ILE A 222 8.56 30.30 13.18
CA ILE A 222 7.52 29.92 14.13
C ILE A 222 7.89 30.37 15.54
N LEU A 223 9.11 30.03 15.96
CA LEU A 223 9.53 30.28 17.32
C LEU A 223 9.71 31.78 17.60
N GLU A 224 10.28 32.54 16.65
CA GLU A 224 10.36 33.98 16.77
C GLU A 224 8.94 34.56 16.82
N ALA A 225 8.01 34.08 15.98
CA ALA A 225 6.64 34.58 16.01
C ALA A 225 5.99 34.40 17.37
N LEU A 226 6.08 33.19 17.94
CA LEU A 226 5.44 32.90 19.21
C LEU A 226 6.05 33.72 20.34
N ALA A 227 7.36 34.00 20.28
CA ALA A 227 7.99 34.90 21.25
C ALA A 227 7.42 36.32 21.14
N GLU A 228 7.19 36.80 19.90
CA GLU A 228 6.58 38.11 19.69
C GLU A 228 5.18 38.10 20.28
N VAL A 229 4.34 37.12 19.89
CA VAL A 229 2.99 37.02 20.39
C VAL A 229 2.97 37.08 21.92
N HIS A 230 3.91 36.36 22.54
CA HIS A 230 3.97 36.18 23.98
C HIS A 230 4.10 37.51 24.72
N GLN A 231 4.71 38.51 24.09
CA GLN A 231 4.85 39.83 24.69
C GLN A 231 3.49 40.54 24.76
N GLU A 232 2.50 40.08 23.98
CA GLU A 232 1.18 40.68 23.94
C GLU A 232 0.22 39.86 24.81
N VAL A 233 0.35 38.53 24.72
CA VAL A 233 -0.53 37.57 25.39
C VAL A 233 0.27 36.30 25.62
N PRO A 234 0.23 35.72 26.82
CA PRO A 234 1.07 34.57 27.12
C PRO A 234 0.83 33.42 26.15
N VAL A 235 1.92 32.83 25.68
CA VAL A 235 1.88 31.65 24.84
C VAL A 235 2.26 30.44 25.66
N VAL A 236 1.33 29.47 25.73
CA VAL A 236 1.58 28.17 26.31
C VAL A 236 1.82 27.15 25.19
N PHE A 237 2.91 26.37 25.33
CA PHE A 237 3.47 25.57 24.26
C PHE A 237 3.94 24.24 24.83
N PRO A 238 3.07 23.19 24.89
CA PRO A 238 3.54 21.83 25.10
C PRO A 238 4.30 21.39 23.86
N VAL A 239 5.61 21.20 24.02
CA VAL A 239 6.53 21.01 22.91
C VAL A 239 6.72 19.54 22.60
N HIS A 240 6.47 19.15 21.36
CA HIS A 240 6.66 17.75 20.96
C HIS A 240 8.14 17.43 21.13
N PRO A 241 8.54 16.23 21.59
CA PRO A 241 9.97 15.98 21.82
C PRO A 241 10.86 16.15 20.60
N ARG A 242 10.33 15.82 19.41
CA ARG A 242 11.08 15.95 18.16
C ARG A 242 11.24 17.44 17.86
N THR A 243 10.16 18.20 18.10
CA THR A 243 10.24 19.64 17.89
C THR A 243 11.30 20.26 18.81
N ARG A 244 11.35 19.81 20.07
CA ARG A 244 12.32 20.33 21.03
C ARG A 244 13.75 20.01 20.58
N LYS A 245 13.96 18.79 20.09
CA LYS A 245 15.29 18.36 19.68
C LYS A 245 15.77 19.17 18.48
N ARG A 246 14.86 19.44 17.52
CA ARG A 246 15.22 20.22 16.37
C ARG A 246 15.57 21.65 16.78
N ALA A 247 14.72 22.27 17.63
CA ALA A 247 14.96 23.63 18.08
C ALA A 247 16.33 23.71 18.76
N GLU A 248 16.67 22.69 19.58
CA GLU A 248 17.95 22.69 20.24
C GLU A 248 19.05 22.53 19.19
N ALA A 249 18.82 21.69 18.19
CA ALA A 249 19.87 21.35 17.23
C ALA A 249 20.28 22.57 16.38
N PHE A 250 19.29 23.39 16.03
CA PHE A 250 19.53 24.56 15.19
C PHE A 250 19.90 25.78 16.02
N GLY A 251 20.02 25.63 17.35
CA GLY A 251 20.43 26.76 18.18
C GLY A 251 19.27 27.71 18.54
N LEU A 252 18.02 27.20 18.52
CA LEU A 252 16.83 28.03 18.69
C LEU A 252 16.19 27.78 20.05
N GLY A 253 16.85 27.01 20.90
CA GLY A 253 16.30 26.65 22.20
C GLY A 253 15.91 27.86 23.04
N SER A 254 16.60 28.99 22.88
CA SER A 254 16.32 30.13 23.73
C SER A 254 14.93 30.71 23.46
N TYR A 255 14.34 30.40 22.28
CA TYR A 255 13.01 30.90 21.99
C TYR A 255 11.98 30.19 22.87
N LEU A 256 12.20 28.90 23.15
CA LEU A 256 11.31 28.17 24.02
C LEU A 256 11.30 28.81 25.40
N GLU A 257 12.44 29.36 25.85
CA GLU A 257 12.52 29.96 27.16
C GLU A 257 11.75 31.29 27.18
N LYS A 258 11.41 31.85 26.02
CA LYS A 258 10.68 33.11 25.95
C LYS A 258 9.16 32.93 25.82
N VAL A 259 8.67 31.71 26.00
CA VAL A 259 7.24 31.46 26.10
C VAL A 259 7.05 30.56 27.30
N VAL A 260 5.81 30.15 27.59
CA VAL A 260 5.56 29.12 28.59
C VAL A 260 5.63 27.75 27.91
N ALA A 261 6.87 27.29 27.70
CA ALA A 261 7.09 26.01 27.07
C ALA A 261 6.98 24.90 28.11
N LEU A 262 6.33 23.82 27.70
CA LEU A 262 6.10 22.69 28.57
C LEU A 262 6.54 21.44 27.83
N GLU A 263 6.68 20.37 28.61
CA GLU A 263 6.70 19.03 28.07
C GLU A 263 5.30 18.66 27.63
N PRO A 264 5.16 17.62 26.77
CA PRO A 264 3.84 17.19 26.33
C PRO A 264 2.94 16.90 27.53
N VAL A 265 1.68 17.27 27.42
CA VAL A 265 0.73 17.06 28.50
C VAL A 265 -0.22 15.90 28.15
N GLY A 266 -0.91 15.40 29.17
CA GLY A 266 -1.92 14.38 28.96
C GLY A 266 -3.16 14.98 28.31
N TYR A 267 -4.09 14.13 27.88
CA TYR A 267 -5.27 14.58 27.18
C TYR A 267 -6.17 15.48 28.05
N LEU A 268 -6.31 15.13 29.34
CA LEU A 268 -7.21 15.88 30.20
C LEU A 268 -6.71 17.31 30.37
N ASP A 269 -5.41 17.47 30.65
CA ASP A 269 -4.80 18.80 30.68
C ASP A 269 -4.93 19.51 29.33
N MET A 270 -4.75 18.77 28.22
CA MET A 270 -4.81 19.38 26.90
C MET A 270 -6.21 19.98 26.69
N VAL A 271 -7.27 19.21 27.01
CA VAL A 271 -8.64 19.70 26.90
C VAL A 271 -8.80 21.01 27.66
N MET A 272 -8.29 21.05 28.90
CA MET A 272 -8.42 22.22 29.76
C MET A 272 -7.70 23.41 29.13
N LEU A 273 -6.47 23.21 28.59
CA LEU A 273 -5.72 24.25 27.89
C LEU A 273 -6.45 24.71 26.63
N GLU A 274 -6.98 23.78 25.84
CA GLU A 274 -7.65 24.12 24.59
C GLU A 274 -8.92 24.95 24.85
N LYS A 275 -9.75 24.44 25.77
CA LYS A 275 -11.02 25.03 26.17
C LYS A 275 -10.82 26.50 26.59
N ASN A 276 -9.75 26.75 27.34
CA ASN A 276 -9.59 28.01 28.03
C ASN A 276 -8.70 28.96 27.23
N ALA A 277 -8.24 28.54 26.03
CA ALA A 277 -7.32 29.37 25.28
C ALA A 277 -8.10 30.45 24.53
N ARG A 278 -7.48 31.61 24.28
CA ARG A 278 -8.09 32.65 23.47
C ARG A 278 -7.99 32.29 21.99
N LEU A 279 -6.88 31.59 21.66
CA LEU A 279 -6.61 31.17 20.31
C LEU A 279 -5.63 30.01 20.36
N ILE A 280 -5.76 29.12 19.37
CA ILE A 280 -4.88 27.99 19.25
C ILE A 280 -4.13 28.13 17.94
N VAL A 281 -2.81 27.96 18.01
CA VAL A 281 -1.93 27.96 16.84
C VAL A 281 -1.34 26.57 16.71
N THR A 282 -1.53 25.87 15.59
CA THR A 282 -1.04 24.52 15.50
C THR A 282 -0.69 24.07 14.09
N ASP A 283 -0.02 22.90 14.02
CA ASP A 283 0.01 22.16 12.78
C ASP A 283 -0.53 20.74 12.97
N SER A 284 -1.20 20.50 14.09
CA SER A 284 -1.85 19.24 14.44
C SER A 284 -3.23 19.11 13.76
N GLY A 285 -3.54 17.91 13.27
CA GLY A 285 -4.86 17.60 12.73
C GLY A 285 -5.90 17.58 13.83
N GLY A 286 -5.60 16.83 14.91
CA GLY A 286 -6.53 16.74 16.02
C GLY A 286 -6.76 18.09 16.70
N VAL A 287 -5.67 18.84 16.91
CA VAL A 287 -5.79 20.10 17.66
C VAL A 287 -6.61 21.14 16.88
N GLN A 288 -6.55 21.14 15.55
CA GLN A 288 -7.27 22.19 14.85
C GLN A 288 -8.77 21.88 14.90
N LYS A 289 -9.12 20.59 14.87
CA LYS A 289 -10.51 20.21 15.07
C LYS A 289 -10.96 20.55 16.48
N GLU A 290 -10.10 20.30 17.47
CA GLU A 290 -10.49 20.53 18.85
C GLU A 290 -10.72 22.02 19.10
N ALA A 291 -9.89 22.89 18.51
CA ALA A 291 -10.14 24.32 18.59
C ALA A 291 -11.59 24.62 18.22
N TYR A 292 -12.04 24.09 17.08
CA TYR A 292 -13.41 24.23 16.63
C TYR A 292 -14.41 23.64 17.64
N PHE A 293 -14.11 22.48 18.24
CA PHE A 293 -15.04 21.90 19.23
C PHE A 293 -15.35 22.90 20.34
N TYR A 294 -14.39 23.74 20.72
CA TYR A 294 -14.53 24.67 21.85
C TYR A 294 -14.78 26.08 21.37
N ARG A 295 -14.96 26.22 20.06
CA ARG A 295 -15.23 27.50 19.45
C ARG A 295 -14.13 28.48 19.84
N VAL A 296 -12.86 28.04 19.77
CA VAL A 296 -11.69 28.87 19.89
C VAL A 296 -11.11 29.08 18.49
N PRO A 297 -10.86 30.33 18.03
CA PRO A 297 -10.28 30.52 16.71
C PRO A 297 -8.92 29.83 16.61
N CYS A 298 -8.61 29.36 15.40
CA CYS A 298 -7.42 28.56 15.15
C CYS A 298 -6.65 29.12 13.96
N VAL A 299 -5.32 29.04 14.07
CA VAL A 299 -4.38 29.29 13.00
C VAL A 299 -3.57 28.02 12.78
N THR A 300 -3.55 27.59 11.52
CA THR A 300 -2.86 26.37 11.15
C THR A 300 -1.61 26.76 10.37
N VAL A 301 -0.44 26.37 10.89
CA VAL A 301 0.83 26.80 10.32
C VAL A 301 1.28 25.80 9.24
N ARG A 302 0.58 25.86 8.10
CA ARG A 302 0.79 24.98 6.97
C ARG A 302 0.37 25.70 5.69
N GLU A 303 0.67 25.12 4.54
CA GLU A 303 0.23 25.63 3.25
CA GLU A 303 0.22 25.66 3.26
C GLU A 303 -1.14 25.07 2.89
N GLU A 304 -1.57 24.01 3.57
CA GLU A 304 -2.88 23.44 3.30
C GLU A 304 -3.29 22.62 4.52
N THR A 305 -4.56 22.29 4.61
CA THR A 305 -5.05 21.33 5.57
C THR A 305 -6.02 20.36 4.92
N GLU A 306 -6.14 19.18 5.52
CA GLU A 306 -7.10 18.18 5.05
C GLU A 306 -8.49 18.49 5.58
N TRP A 307 -8.58 19.37 6.60
CA TRP A 307 -9.80 19.71 7.31
C TRP A 307 -10.38 21.01 6.75
N VAL A 308 -10.71 20.98 5.45
CA VAL A 308 -10.98 22.19 4.69
C VAL A 308 -12.22 22.89 5.19
N GLU A 309 -13.17 22.12 5.74
CA GLU A 309 -14.42 22.68 6.23
C GLU A 309 -14.17 23.71 7.35
N LEU A 310 -13.05 23.56 8.09
CA LEU A 310 -12.73 24.51 9.14
C LEU A 310 -12.35 25.86 8.54
N LEU A 311 -11.66 25.84 7.39
CA LEU A 311 -11.30 27.08 6.70
C LEU A 311 -12.57 27.71 6.14
N LYS A 312 -13.45 26.90 5.55
CA LYS A 312 -14.65 27.43 4.94
C LYS A 312 -15.57 28.07 5.97
N ALA A 313 -15.64 27.50 7.17
CA ALA A 313 -16.50 28.03 8.21
C ALA A 313 -15.82 29.15 9.02
N GLU A 314 -14.55 29.47 8.74
CA GLU A 314 -13.83 30.62 9.28
C GLU A 314 -13.42 30.42 10.74
N TRP A 315 -13.42 29.16 11.17
CA TRP A 315 -12.92 28.78 12.48
C TRP A 315 -11.40 28.62 12.49
N ASN A 316 -10.84 28.39 11.29
CA ASN A 316 -9.44 28.06 11.12
C ASN A 316 -8.90 28.92 9.97
N TYR A 317 -7.59 29.19 9.99
CA TYR A 317 -6.99 30.10 9.05
C TYR A 317 -5.56 29.63 8.78
N LEU A 318 -5.19 29.45 7.51
CA LEU A 318 -3.84 29.01 7.15
C LEU A 318 -2.88 30.18 7.25
N ALA A 319 -1.73 29.93 7.89
CA ALA A 319 -0.66 30.92 7.92
C ALA A 319 0.65 30.18 7.73
N ALA A 320 1.16 30.13 6.51
CA ALA A 320 2.42 29.47 6.22
C ALA A 320 3.56 30.23 6.89
N PRO A 321 4.59 29.56 7.45
CA PRO A 321 5.63 30.26 8.20
C PRO A 321 6.74 30.88 7.35
N GLN A 322 6.43 32.01 6.67
CA GLN A 322 7.38 32.67 5.79
C GLN A 322 8.13 33.82 6.45
N ASN A 323 7.52 34.48 7.45
CA ASN A 323 8.00 35.71 8.03
C ASN A 323 7.50 35.80 9.47
N ALA A 324 8.40 35.96 10.45
CA ALA A 324 8.04 35.91 11.85
C ALA A 324 7.03 37.00 12.22
N LYS A 325 7.27 38.22 11.74
CA LYS A 325 6.41 39.32 12.11
C LYS A 325 5.04 39.12 11.46
N ASP A 326 4.99 38.66 10.21
CA ASP A 326 3.69 38.42 9.56
C ASP A 326 2.89 37.36 10.31
N LEU A 327 3.58 36.30 10.75
CA LEU A 327 2.90 35.23 11.43
C LEU A 327 2.38 35.71 12.78
N ALA A 328 3.21 36.43 13.54
CA ALA A 328 2.80 36.99 14.81
C ALA A 328 1.57 37.87 14.63
N LEU A 329 1.58 38.77 13.63
CA LEU A 329 0.45 39.68 13.44
C LEU A 329 -0.80 38.87 13.07
N THR A 330 -0.66 37.84 12.23
CA THR A 330 -1.77 36.99 11.86
C THR A 330 -2.38 36.33 13.12
N ILE A 331 -1.54 35.75 13.98
CA ILE A 331 -1.99 35.13 15.23
C ILE A 331 -2.77 36.14 16.06
N LEU A 332 -2.22 37.35 16.27
CA LEU A 332 -2.84 38.38 17.08
C LEU A 332 -4.19 38.80 16.49
N HIS A 333 -4.26 39.03 15.18
CA HIS A 333 -5.50 39.43 14.51
C HIS A 333 -6.57 38.35 14.61
N ARG A 334 -6.18 37.06 14.50
CA ARG A 334 -7.15 35.99 14.41
C ARG A 334 -7.74 35.73 15.79
N MET A 335 -7.05 36.12 16.86
CA MET A 335 -7.59 35.81 18.17
C MET A 335 -8.86 36.61 18.48
N ARG A 336 -9.19 37.69 17.77
CA ARG A 336 -10.50 38.27 18.04
C ARG A 336 -11.45 38.03 16.87
N THR A 337 -11.38 36.83 16.25
CA THR A 337 -12.29 36.45 15.19
C THR A 337 -13.06 35.24 15.69
N LYS A 338 -14.15 34.91 15.01
CA LYS A 338 -14.82 33.65 15.23
C LYS A 338 -15.31 33.17 13.87
N GLY A 339 -15.70 31.89 13.77
CA GLY A 339 -16.28 31.37 12.55
C GLY A 339 -17.82 31.38 12.65
N VAL A 340 -18.48 30.78 11.64
CA VAL A 340 -19.94 30.70 11.57
C VAL A 340 -20.51 29.61 12.48
N GLU A 341 -21.83 29.65 12.68
CA GLU A 341 -22.55 28.57 13.34
C GLU A 341 -22.65 27.41 12.37
N ILE A 342 -22.07 26.28 12.72
CA ILE A 342 -22.15 25.07 11.93
C ILE A 342 -21.79 23.89 12.83
N ASP A 343 -22.39 22.73 12.56
CA ASP A 343 -22.12 21.51 13.31
C ASP A 343 -21.38 20.56 12.39
N LEU A 344 -20.07 20.41 12.64
CA LEU A 344 -19.24 19.53 11.83
C LEU A 344 -18.94 18.28 12.67
N TYR A 345 -18.52 17.22 12.00
CA TYR A 345 -17.94 16.04 12.63
C TYR A 345 -18.95 15.19 13.40
N GLY A 346 -20.26 15.43 13.24
CA GLY A 346 -21.29 14.54 13.77
C GLY A 346 -21.73 14.87 15.20
N ASP A 347 -22.38 13.88 15.84
CA ASP A 347 -23.14 14.10 17.06
C ASP A 347 -22.41 13.56 18.27
N GLY A 348 -21.20 13.04 18.08
CA GLY A 348 -20.47 12.45 19.20
C GLY A 348 -20.75 10.97 19.33
N ARG A 349 -21.45 10.42 18.35
CA ARG A 349 -21.75 9.00 18.32
C ARG A 349 -21.17 8.37 17.04
N ALA A 350 -20.04 8.91 16.56
CA ALA A 350 -19.39 8.32 15.39
C ALA A 350 -19.03 6.88 15.72
N SER A 351 -18.57 6.65 16.94
CA SER A 351 -18.15 5.35 17.44
C SER A 351 -19.26 4.30 17.47
N GLN A 352 -20.49 4.66 17.86
CA GLN A 352 -21.56 3.66 17.83
C GLN A 352 -22.01 3.45 16.38
N LYS A 353 -21.87 4.45 15.50
CA LYS A 353 -22.14 4.22 14.09
C LYS A 353 -21.15 3.18 13.54
N ILE A 354 -19.87 3.33 13.92
CA ILE A 354 -18.81 2.43 13.50
C ILE A 354 -19.15 1.01 13.95
N SER A 355 -19.42 0.88 15.25
CA SER A 355 -19.75 -0.38 15.88
C SER A 355 -20.92 -1.06 15.18
N ASP A 356 -21.96 -0.29 14.87
CA ASP A 356 -23.13 -0.84 14.20
C ASP A 356 -22.73 -1.40 12.84
N PHE A 357 -21.83 -0.72 12.09
CA PHE A 357 -21.49 -1.18 10.74
C PHE A 357 -20.63 -2.45 10.81
N LEU A 358 -19.79 -2.57 11.85
CA LEU A 358 -18.95 -3.75 12.06
C LEU A 358 -19.77 -4.96 12.52
N ARG A 359 -21.09 -4.78 12.77
CA ARG A 359 -22.02 -5.88 12.97
C ARG A 359 -22.67 -6.21 11.63
N LYS A 360 -23.21 -5.18 10.98
CA LYS A 360 -24.07 -5.31 9.80
C LYS A 360 -23.31 -5.75 8.55
N VAL A 361 -22.01 -5.39 8.43
CA VAL A 361 -21.18 -5.82 7.32
C VAL A 361 -20.26 -6.94 7.81
N MET B 1 22.48 14.13 -17.75
CA MET B 1 22.09 13.02 -18.66
C MET B 1 22.42 11.64 -18.05
N TRP B 2 23.28 11.60 -17.01
CA TRP B 2 23.59 10.37 -16.29
C TRP B 2 22.47 10.09 -15.28
N VAL B 3 21.77 8.97 -15.50
CA VAL B 3 20.61 8.59 -14.71
C VAL B 3 20.80 7.12 -14.31
N LYS B 4 20.44 6.77 -13.07
CA LYS B 4 20.53 5.40 -12.62
C LYS B 4 19.12 4.84 -12.46
N ILE B 5 18.81 3.75 -13.19
CA ILE B 5 17.50 3.12 -13.16
C ILE B 5 17.65 1.74 -12.54
N LEU B 6 17.07 1.58 -11.33
CA LEU B 6 17.19 0.36 -10.55
C LEU B 6 15.90 -0.46 -10.67
N SER B 7 16.03 -1.74 -11.04
CA SER B 7 14.95 -2.66 -11.29
C SER B 7 14.89 -3.66 -10.14
N VAL B 8 13.70 -3.85 -9.58
CA VAL B 8 13.43 -4.82 -8.53
C VAL B 8 12.71 -5.99 -9.17
N VAL B 9 13.29 -7.22 -9.06
CA VAL B 9 12.67 -8.42 -9.60
C VAL B 9 12.69 -9.53 -8.54
N GLY B 10 11.59 -10.28 -8.55
CA GLY B 10 11.38 -11.41 -7.68
C GLY B 10 11.62 -12.68 -8.48
N ALA B 11 10.59 -13.12 -9.19
CA ALA B 11 10.57 -14.44 -9.78
C ALA B 11 10.74 -14.38 -11.30
N ARG B 12 10.83 -15.56 -11.92
CA ARG B 12 10.97 -15.75 -13.38
C ARG B 12 10.24 -14.70 -14.23
N PRO B 13 8.90 -14.49 -14.16
CA PRO B 13 8.22 -13.58 -15.10
C PRO B 13 8.66 -12.12 -15.01
N GLN B 14 9.18 -11.76 -13.82
CA GLN B 14 9.71 -10.42 -13.61
C GLN B 14 11.08 -10.29 -14.26
N PHE B 15 11.93 -11.33 -14.12
CA PHE B 15 13.18 -11.35 -14.90
C PHE B 15 12.91 -11.20 -16.40
N ILE B 16 11.86 -11.83 -16.93
CA ILE B 16 11.63 -11.80 -18.38
C ILE B 16 11.23 -10.39 -18.82
N LYS B 17 10.36 -9.75 -18.01
CA LYS B 17 9.93 -8.37 -18.26
C LYS B 17 11.15 -7.43 -18.09
N ALA B 18 11.93 -7.60 -17.02
CA ALA B 18 13.03 -6.67 -16.79
C ALA B 18 14.12 -6.82 -17.86
N ALA B 19 14.27 -8.06 -18.39
CA ALA B 19 15.22 -8.35 -19.46
C ALA B 19 14.87 -7.58 -20.73
N ALA B 20 13.59 -7.63 -21.11
CA ALA B 20 13.07 -6.88 -22.25
C ALA B 20 13.38 -5.38 -22.12
N VAL B 21 13.06 -4.80 -20.97
CA VAL B 21 13.32 -3.40 -20.70
C VAL B 21 14.81 -3.09 -20.70
N SER B 22 15.60 -3.94 -20.03
CA SER B 22 17.03 -3.69 -19.92
CA SER B 22 17.05 -3.79 -19.91
C SER B 22 17.75 -3.78 -21.28
N ARG B 23 17.32 -4.68 -22.18
CA ARG B 23 17.91 -4.75 -23.51
C ARG B 23 17.79 -3.41 -24.24
N VAL B 24 16.72 -2.65 -23.94
CA VAL B 24 16.54 -1.34 -24.56
C VAL B 24 17.33 -0.28 -23.80
N LEU B 25 17.34 -0.34 -22.46
CA LEU B 25 18.05 0.66 -21.64
C LEU B 25 19.57 0.60 -21.86
N ARG B 26 20.10 -0.59 -22.21
CA ARG B 26 21.51 -0.77 -22.49
C ARG B 26 21.97 0.07 -23.69
N ALA B 27 21.04 0.42 -24.58
CA ALA B 27 21.31 1.30 -25.71
C ALA B 27 21.47 2.77 -25.34
N SER B 28 21.24 3.17 -24.08
CA SER B 28 21.55 4.53 -23.64
C SER B 28 22.72 4.52 -22.67
N PRO B 29 23.98 4.86 -23.12
CA PRO B 29 25.18 4.75 -22.27
C PRO B 29 25.13 5.62 -21.02
N GLY B 30 24.37 6.73 -21.09
CA GLY B 30 24.13 7.61 -19.97
C GLY B 30 23.20 6.99 -18.92
N VAL B 31 22.49 5.89 -19.27
CA VAL B 31 21.70 5.14 -18.30
C VAL B 31 22.54 4.04 -17.67
N ARG B 32 22.68 4.10 -16.34
CA ARG B 32 23.26 3.01 -15.56
C ARG B 32 22.09 2.25 -14.96
N GLU B 33 22.14 0.93 -15.06
CA GLU B 33 21.12 0.09 -14.46
C GLU B 33 21.69 -0.65 -13.26
N VAL B 34 20.82 -0.90 -12.29
CA VAL B 34 21.09 -1.76 -11.16
C VAL B 34 19.95 -2.73 -11.10
N LEU B 35 20.24 -4.02 -10.95
CA LEU B 35 19.22 -5.04 -10.88
C LEU B 35 19.27 -5.67 -9.50
N VAL B 36 18.16 -5.58 -8.78
CA VAL B 36 18.03 -6.14 -7.45
C VAL B 36 17.10 -7.35 -7.50
N HIS B 37 17.64 -8.54 -7.23
CA HIS B 37 16.88 -9.76 -7.08
C HIS B 37 16.49 -9.96 -5.63
N THR B 38 15.20 -10.02 -5.35
CA THR B 38 14.73 -10.14 -3.98
C THR B 38 14.91 -11.54 -3.37
N GLY B 39 14.96 -12.63 -4.18
CA GLY B 39 15.21 -13.99 -3.70
C GLY B 39 16.71 -14.40 -3.60
N GLN B 40 17.02 -15.70 -3.71
CA GLN B 40 18.41 -16.22 -3.67
C GLN B 40 19.04 -16.41 -5.06
N HIS B 41 20.38 -16.51 -5.09
CA HIS B 41 21.15 -16.69 -6.33
C HIS B 41 20.80 -18.02 -7.01
N SER B 47 18.55 -22.46 -14.13
CA SER B 47 19.13 -21.68 -13.00
C SER B 47 19.94 -20.50 -13.58
N GLN B 48 21.27 -20.57 -13.52
CA GLN B 48 22.15 -19.57 -14.12
C GLN B 48 22.27 -19.76 -15.63
N VAL B 49 21.77 -20.89 -16.18
CA VAL B 49 21.61 -21.06 -17.62
C VAL B 49 20.36 -20.33 -18.09
N PHE B 50 19.20 -20.66 -17.47
CA PHE B 50 17.92 -20.11 -17.88
C PHE B 50 18.04 -18.59 -17.81
N PHE B 51 18.72 -18.11 -16.76
CA PHE B 51 19.06 -16.70 -16.62
C PHE B 51 19.77 -16.10 -17.84
N GLU B 52 20.70 -16.83 -18.44
CA GLU B 52 21.59 -16.29 -19.46
C GLU B 52 20.96 -16.22 -20.84
N GLU B 53 19.89 -16.99 -21.08
CA GLU B 53 19.18 -16.95 -22.35
C GLU B 53 18.55 -15.56 -22.51
N LEU B 54 18.38 -14.83 -21.42
CA LEU B 54 17.77 -13.51 -21.48
C LEU B 54 18.80 -12.40 -21.74
N GLU B 55 20.09 -12.75 -21.81
CA GLU B 55 21.13 -11.80 -22.21
C GLU B 55 21.21 -10.61 -21.27
N ILE B 56 20.93 -10.85 -19.98
CA ILE B 56 20.92 -9.86 -18.90
C ILE B 56 22.20 -10.04 -18.11
N PRO B 57 22.91 -8.97 -17.68
CA PRO B 57 23.93 -9.14 -16.66
C PRO B 57 23.42 -9.74 -15.35
N ASP B 58 24.31 -10.40 -14.60
CA ASP B 58 23.92 -10.98 -13.33
C ASP B 58 23.38 -9.89 -12.43
N PRO B 59 22.42 -10.20 -11.52
CA PRO B 59 21.96 -9.21 -10.55
C PRO B 59 23.08 -8.59 -9.72
N ASP B 60 22.95 -7.30 -9.46
CA ASP B 60 23.83 -6.59 -8.56
C ASP B 60 23.62 -7.05 -7.13
N TYR B 61 22.40 -7.50 -6.77
CA TYR B 61 22.06 -7.87 -5.42
C TYR B 61 21.11 -9.06 -5.46
N HIS B 62 21.31 -10.00 -4.53
CA HIS B 62 20.38 -11.08 -4.22
C HIS B 62 20.09 -10.97 -2.73
N LEU B 63 18.87 -10.56 -2.38
CA LEU B 63 18.52 -10.28 -0.99
C LEU B 63 18.22 -11.56 -0.23
N GLY B 64 17.90 -12.64 -0.95
CA GLY B 64 17.72 -13.96 -0.39
C GLY B 64 16.50 -14.10 0.52
N ILE B 65 15.41 -13.39 0.17
CA ILE B 65 14.20 -13.44 0.99
C ILE B 65 13.15 -14.28 0.27
N GLY B 66 12.54 -15.18 1.04
CA GLY B 66 11.48 -16.00 0.49
C GLY B 66 11.13 -17.12 1.45
N GLY B 67 9.99 -17.76 1.18
CA GLY B 67 9.57 -18.97 1.87
C GLY B 67 8.73 -18.75 3.12
N GLY B 68 8.49 -17.49 3.51
CA GLY B 68 7.68 -17.21 4.68
C GLY B 68 6.25 -16.83 4.30
N THR B 69 5.52 -16.20 5.23
CA THR B 69 4.20 -15.65 5.00
C THR B 69 4.33 -14.37 4.17
N HIS B 70 3.17 -13.83 3.76
CA HIS B 70 3.15 -12.52 3.10
C HIS B 70 3.78 -11.44 3.98
N GLY B 71 3.42 -11.38 5.26
CA GLY B 71 3.95 -10.34 6.13
C GLY B 71 5.47 -10.44 6.31
N GLN B 72 5.97 -11.68 6.41
CA GLN B 72 7.40 -11.91 6.59
C GLN B 72 8.16 -11.55 5.32
N ASN B 73 7.77 -12.16 4.22
CA ASN B 73 8.44 -11.91 2.97
C ASN B 73 8.34 -10.42 2.68
N THR B 74 7.14 -9.82 2.78
CA THR B 74 6.98 -8.45 2.35
C THR B 74 7.76 -7.51 3.27
N GLY B 75 7.64 -7.74 4.58
CA GLY B 75 8.29 -6.85 5.53
C GLY B 75 9.81 -6.89 5.44
N ARG B 76 10.37 -8.09 5.24
CA ARG B 76 11.82 -8.26 5.13
C ARG B 76 12.30 -7.61 3.84
N MET B 77 11.55 -7.81 2.76
CA MET B 77 11.93 -7.23 1.50
C MET B 77 11.87 -5.70 1.55
N LEU B 78 10.88 -5.13 2.21
CA LEU B 78 10.74 -3.69 2.28
C LEU B 78 11.99 -3.09 2.94
N GLU B 79 12.43 -3.70 4.02
CA GLU B 79 13.58 -3.17 4.75
C GLU B 79 14.87 -3.40 3.95
N ALA B 80 15.06 -4.60 3.39
CA ALA B 80 16.25 -4.88 2.58
C ALA B 80 16.30 -4.03 1.30
N ILE B 81 15.17 -3.88 0.57
CA ILE B 81 15.18 -3.03 -0.62
C ILE B 81 15.54 -1.60 -0.24
N GLU B 82 14.92 -1.07 0.80
CA GLU B 82 15.24 0.29 1.22
C GLU B 82 16.75 0.47 1.47
N GLY B 83 17.34 -0.49 2.18
CA GLY B 83 18.79 -0.52 2.39
C GLY B 83 19.60 -0.32 1.10
N VAL B 84 19.26 -1.09 0.04
CA VAL B 84 19.93 -0.94 -1.24
C VAL B 84 19.68 0.44 -1.82
N LEU B 85 18.41 0.90 -1.79
CA LEU B 85 18.07 2.21 -2.37
C LEU B 85 18.89 3.31 -1.71
N LEU B 86 19.11 3.22 -0.40
CA LEU B 86 19.85 4.25 0.31
C LEU B 86 21.31 4.27 -0.16
N LYS B 87 21.84 3.09 -0.55
CA LYS B 87 23.21 2.92 -1.02
C LYS B 87 23.32 3.38 -2.47
N GLU B 88 22.40 2.92 -3.31
CA GLU B 88 22.46 3.12 -4.75
C GLU B 88 21.97 4.50 -5.18
N LYS B 89 21.03 5.10 -4.42
CA LYS B 89 20.42 6.38 -4.74
C LYS B 89 20.00 6.47 -6.19
N PRO B 90 19.13 5.57 -6.69
CA PRO B 90 18.72 5.62 -8.09
C PRO B 90 17.77 6.78 -8.37
N ASP B 91 17.65 7.18 -9.65
CA ASP B 91 16.76 8.24 -10.10
C ASP B 91 15.34 7.70 -10.32
N TRP B 92 15.27 6.40 -10.66
CA TRP B 92 14.04 5.68 -10.93
C TRP B 92 14.18 4.30 -10.32
N VAL B 93 13.06 3.82 -9.77
CA VAL B 93 12.89 2.43 -9.44
C VAL B 93 11.81 1.85 -10.35
N LEU B 94 12.11 0.73 -10.99
CA LEU B 94 11.16 0.00 -11.80
C LEU B 94 10.74 -1.25 -11.03
N VAL B 95 9.44 -1.47 -10.96
CA VAL B 95 8.87 -2.69 -10.38
C VAL B 95 7.96 -3.30 -11.43
N TYR B 96 7.75 -4.62 -11.35
CA TYR B 96 7.15 -5.35 -12.45
C TYR B 96 6.07 -6.27 -11.91
N GLY B 97 4.94 -6.40 -12.60
CA GLY B 97 3.94 -7.38 -12.19
C GLY B 97 3.26 -7.00 -10.87
N ASP B 98 3.07 -8.02 -10.01
CA ASP B 98 2.07 -7.87 -8.95
C ASP B 98 2.32 -8.74 -7.73
N THR B 99 3.59 -9.08 -7.47
CA THR B 99 3.87 -9.93 -6.33
C THR B 99 4.27 -9.07 -5.13
N ASP B 100 4.56 -9.74 -4.03
CA ASP B 100 5.01 -9.06 -2.84
C ASP B 100 6.32 -8.32 -3.09
N SER B 101 7.19 -8.85 -3.95
CA SER B 101 8.39 -8.13 -4.34
C SER B 101 8.06 -6.79 -4.99
N THR B 102 7.07 -6.80 -5.90
CA THR B 102 6.65 -5.59 -6.56
C THR B 102 6.25 -4.51 -5.53
N LEU B 103 5.38 -4.89 -4.61
CA LEU B 103 4.83 -3.92 -3.68
C LEU B 103 5.93 -3.47 -2.73
N ALA B 104 6.78 -4.40 -2.31
CA ALA B 104 7.85 -4.02 -1.39
C ALA B 104 8.80 -3.01 -2.05
N GLY B 105 9.10 -3.21 -3.33
CA GLY B 105 9.96 -2.27 -4.04
C GLY B 105 9.32 -0.89 -4.16
N ALA B 106 8.01 -0.89 -4.44
CA ALA B 106 7.33 0.39 -4.60
C ALA B 106 7.27 1.16 -3.28
N LEU B 107 6.91 0.47 -2.20
CA LEU B 107 6.80 1.06 -0.87
CA LEU B 107 6.78 1.12 -0.90
C LEU B 107 8.14 1.57 -0.37
N ALA B 108 9.21 0.85 -0.68
CA ALA B 108 10.54 1.26 -0.23
C ALA B 108 10.92 2.55 -0.92
N ALA B 109 10.67 2.61 -2.21
CA ALA B 109 11.04 3.77 -3.02
C ALA B 109 10.21 5.01 -2.65
N VAL B 110 8.88 4.85 -2.53
CA VAL B 110 8.02 6.03 -2.50
C VAL B 110 8.33 6.84 -1.24
N LYS B 111 8.66 6.17 -0.14
CA LYS B 111 8.91 6.83 1.12
C LYS B 111 10.28 7.52 1.14
N LEU B 112 11.17 7.15 0.22
CA LEU B 112 12.42 7.86 0.00
C LEU B 112 12.28 8.91 -1.09
N HIS B 113 11.07 9.17 -1.61
CA HIS B 113 10.85 10.14 -2.68
C HIS B 113 11.58 9.75 -3.98
N ILE B 114 11.83 8.47 -4.17
CA ILE B 114 12.45 8.05 -5.41
C ILE B 114 11.29 7.67 -6.33
N PRO B 115 11.22 8.27 -7.53
CA PRO B 115 10.14 7.97 -8.48
C PRO B 115 10.08 6.49 -8.80
N VAL B 116 8.85 5.97 -8.87
CA VAL B 116 8.59 4.57 -9.22
C VAL B 116 7.80 4.46 -10.52
N ALA B 117 8.25 3.54 -11.40
CA ALA B 117 7.47 3.20 -12.59
C ALA B 117 7.02 1.75 -12.46
N HIS B 118 5.74 1.53 -12.69
CA HIS B 118 5.15 0.19 -12.69
C HIS B 118 5.01 -0.34 -14.12
N VAL B 119 5.86 -1.32 -14.43
CA VAL B 119 5.72 -2.13 -15.64
C VAL B 119 4.68 -3.22 -15.40
N GLU B 120 3.62 -3.18 -16.26
CA GLU B 120 2.42 -3.99 -16.17
C GLU B 120 1.48 -3.41 -15.10
N ALA B 121 0.95 -2.21 -15.38
CA ALA B 121 0.13 -1.44 -14.46
C ALA B 121 -1.34 -1.52 -14.88
N GLY B 122 -2.23 -1.58 -13.89
CA GLY B 122 -3.65 -1.36 -14.04
C GLY B 122 -4.47 -2.65 -14.23
N LEU B 123 -3.85 -3.83 -14.05
CA LEU B 123 -4.58 -5.09 -14.26
C LEU B 123 -5.44 -5.32 -13.03
N ARG B 124 -6.68 -5.81 -13.23
CA ARG B 124 -7.59 -6.03 -12.12
C ARG B 124 -8.43 -7.28 -12.35
N SER B 125 -8.51 -8.07 -11.29
CA SER B 125 -9.38 -9.21 -11.17
C SER B 125 -10.65 -8.84 -10.42
N PHE B 126 -10.59 -7.75 -9.66
CA PHE B 126 -11.65 -7.37 -8.73
C PHE B 126 -11.97 -8.48 -7.72
N ASN B 127 -10.98 -9.25 -7.29
CA ASN B 127 -11.20 -10.22 -6.24
C ASN B 127 -10.02 -10.16 -5.26
N ARG B 128 -10.23 -9.68 -4.04
CA ARG B 128 -9.12 -9.52 -3.11
C ARG B 128 -8.74 -10.80 -2.36
N ARG B 129 -9.35 -11.95 -2.68
CA ARG B 129 -8.81 -13.23 -2.22
C ARG B 129 -7.38 -13.43 -2.74
N MET B 130 -7.12 -12.94 -3.95
CA MET B 130 -5.80 -12.93 -4.53
C MET B 130 -4.93 -11.89 -3.82
N PRO B 131 -3.78 -12.25 -3.25
CA PRO B 131 -2.85 -11.25 -2.74
C PRO B 131 -2.36 -10.29 -3.83
N GLU B 132 -2.27 -10.79 -5.07
CA GLU B 132 -1.67 -9.99 -6.13
C GLU B 132 -2.56 -8.82 -6.55
N GLU B 133 -3.88 -8.93 -6.31
CA GLU B 133 -4.83 -7.85 -6.57
C GLU B 133 -4.50 -6.64 -5.69
N ILE B 134 -4.45 -6.84 -4.39
CA ILE B 134 -3.98 -5.80 -3.47
C ILE B 134 -2.61 -5.27 -3.91
N ASN B 135 -1.68 -6.17 -4.25
CA ASN B 135 -0.34 -5.74 -4.60
C ASN B 135 -0.36 -4.76 -5.75
N ARG B 136 -1.12 -5.06 -6.81
CA ARG B 136 -1.07 -4.17 -7.97
C ARG B 136 -1.87 -2.89 -7.78
N ILE B 137 -3.01 -2.95 -7.07
CA ILE B 137 -3.73 -1.75 -6.71
C ILE B 137 -2.81 -0.77 -5.95
N LEU B 138 -2.19 -1.25 -4.87
CA LEU B 138 -1.35 -0.37 -4.03
C LEU B 138 -0.09 0.11 -4.77
N THR B 139 0.62 -0.79 -5.47
CA THR B 139 1.73 -0.40 -6.33
C THR B 139 1.31 0.70 -7.31
N ASP B 140 0.16 0.56 -7.96
CA ASP B 140 -0.28 1.57 -8.92
C ASP B 140 -0.48 2.92 -8.22
N HIS B 141 -1.11 2.93 -7.05
CA HIS B 141 -1.39 4.18 -6.35
C HIS B 141 -0.14 4.78 -5.72
N ALA B 142 0.98 4.03 -5.73
CA ALA B 142 2.24 4.53 -5.20
C ALA B 142 3.17 5.01 -6.31
N SER B 143 2.79 4.77 -7.60
CA SER B 143 3.67 4.94 -8.74
C SER B 143 3.59 6.35 -9.32
N ASP B 144 4.72 6.82 -9.87
CA ASP B 144 4.76 8.04 -10.66
C ASP B 144 4.42 7.79 -12.13
N LEU B 145 4.84 6.63 -12.66
CA LEU B 145 4.59 6.32 -14.06
C LEU B 145 3.89 4.98 -14.11
N LEU B 146 2.85 4.86 -14.93
CA LEU B 146 2.06 3.64 -15.01
CA LEU B 146 2.11 3.62 -15.00
C LEU B 146 2.09 3.12 -16.44
N PHE B 147 2.75 1.98 -16.65
CA PHE B 147 2.96 1.43 -17.97
C PHE B 147 1.96 0.32 -18.21
N ALA B 148 0.83 0.68 -18.85
CA ALA B 148 -0.29 -0.23 -18.97
C ALA B 148 -0.15 -1.04 -20.25
N PRO B 149 -0.48 -2.35 -20.22
CA PRO B 149 -0.37 -3.18 -21.41
C PRO B 149 -1.58 -3.19 -22.33
N THR B 150 -2.75 -2.84 -21.79
CA THR B 150 -4.04 -2.95 -22.45
C THR B 150 -4.93 -1.76 -22.15
N GLU B 151 -5.96 -1.60 -22.98
CA GLU B 151 -6.89 -0.50 -22.81
C GLU B 151 -7.69 -0.67 -21.53
N THR B 152 -7.97 -1.92 -21.15
CA THR B 152 -8.71 -2.25 -19.93
C THR B 152 -7.92 -1.75 -18.71
N ALA B 153 -6.62 -2.04 -18.71
CA ALA B 153 -5.76 -1.56 -17.65
C ALA B 153 -5.82 -0.03 -17.60
N VAL B 154 -5.78 0.64 -18.76
CA VAL B 154 -5.87 2.10 -18.78
C VAL B 154 -7.17 2.52 -18.09
N GLN B 155 -8.28 1.88 -18.43
CA GLN B 155 -9.57 2.33 -17.93
C GLN B 155 -9.66 2.04 -16.43
N ASN B 156 -9.02 0.96 -15.95
CA ASN B 156 -9.00 0.64 -14.52
C ASN B 156 -8.26 1.74 -13.75
N LEU B 157 -7.16 2.26 -14.31
CA LEU B 157 -6.33 3.24 -13.63
C LEU B 157 -7.07 4.56 -13.55
N LEU B 158 -7.78 4.92 -14.63
CA LEU B 158 -8.52 6.18 -14.67
C LEU B 158 -9.69 6.13 -13.71
N ARG B 159 -10.36 4.98 -13.59
CA ARG B 159 -11.50 4.85 -12.70
C ARG B 159 -11.09 5.00 -11.24
N GLU B 160 -9.82 4.71 -10.91
CA GLU B 160 -9.35 4.83 -9.54
C GLU B 160 -8.72 6.20 -9.28
N GLY B 161 -8.94 7.14 -10.19
CA GLY B 161 -8.58 8.53 -10.01
C GLY B 161 -7.11 8.82 -10.27
N ILE B 162 -6.41 7.87 -10.90
CA ILE B 162 -5.03 8.10 -11.28
C ILE B 162 -5.05 9.01 -12.50
N PRO B 163 -4.31 10.15 -12.47
CA PRO B 163 -4.33 11.09 -13.59
C PRO B 163 -3.77 10.54 -14.89
N GLU B 164 -4.42 10.98 -15.96
CA GLU B 164 -4.15 10.62 -17.34
C GLU B 164 -2.67 10.80 -17.69
N ASN B 165 -2.05 11.88 -17.22
CA ASN B 165 -0.71 12.20 -17.68
C ASN B 165 0.33 11.27 -17.05
N ARG B 166 -0.06 10.43 -16.07
CA ARG B 166 0.86 9.45 -15.49
C ARG B 166 0.68 8.05 -16.10
N ILE B 167 -0.33 7.87 -16.96
CA ILE B 167 -0.68 6.57 -17.52
C ILE B 167 -0.28 6.54 -18.98
N HIS B 168 0.47 5.51 -19.38
CA HIS B 168 0.80 5.33 -20.78
C HIS B 168 0.49 3.91 -21.20
N LEU B 169 -0.31 3.76 -22.25
CA LEU B 169 -0.53 2.48 -22.88
C LEU B 169 0.65 2.17 -23.77
N VAL B 170 1.59 1.34 -23.28
CA VAL B 170 2.77 1.01 -24.04
C VAL B 170 2.70 -0.39 -24.64
N GLY B 171 1.67 -1.16 -24.29
CA GLY B 171 1.61 -2.56 -24.63
C GLY B 171 2.41 -3.41 -23.64
N ASP B 172 2.65 -4.67 -24.04
CA ASP B 172 3.19 -5.67 -23.13
C ASP B 172 4.64 -6.02 -23.49
N VAL B 173 5.56 -5.84 -22.52
CA VAL B 173 6.97 -6.14 -22.72
C VAL B 173 7.14 -7.64 -22.97
N MET B 174 6.17 -8.47 -22.60
CA MET B 174 6.34 -9.90 -22.79
C MET B 174 6.07 -10.26 -24.25
N TYR B 175 5.34 -9.41 -24.98
CA TYR B 175 5.24 -9.55 -26.43
C TYR B 175 6.57 -9.13 -27.06
N ASP B 176 7.16 -8.02 -26.58
CA ASP B 176 8.50 -7.69 -27.03
C ASP B 176 9.43 -8.91 -26.90
N ALA B 177 9.46 -9.53 -25.72
CA ALA B 177 10.34 -10.65 -25.46
C ALA B 177 10.13 -11.77 -26.48
N ALA B 178 8.87 -12.20 -26.67
CA ALA B 178 8.50 -13.26 -27.59
C ALA B 178 8.99 -12.94 -29.01
N LEU B 179 8.72 -11.71 -29.45
CA LEU B 179 9.15 -11.27 -30.76
C LEU B 179 10.67 -11.30 -30.86
N HIS B 180 11.40 -10.86 -29.83
CA HIS B 180 12.85 -10.81 -29.86
C HIS B 180 13.50 -12.20 -29.90
N TYR B 181 12.96 -13.18 -29.14
CA TYR B 181 13.65 -14.46 -28.97
C TYR B 181 13.12 -15.54 -29.92
N GLY B 182 12.12 -15.21 -30.73
CA GLY B 182 11.51 -16.21 -31.58
C GLY B 182 12.52 -16.94 -32.46
N ALA B 183 13.36 -16.18 -33.17
CA ALA B 183 14.24 -16.79 -34.16
C ALA B 183 15.27 -17.69 -33.47
N LYS B 184 15.83 -17.20 -32.36
CA LYS B 184 16.83 -17.92 -31.61
C LYS B 184 16.22 -19.22 -31.08
N ALA B 185 14.96 -19.17 -30.62
CA ALA B 185 14.30 -20.37 -30.13
C ALA B 185 14.20 -21.39 -31.25
N GLU B 186 13.75 -20.93 -32.42
CA GLU B 186 13.61 -21.77 -33.59
C GLU B 186 14.98 -22.35 -33.97
N ARG B 187 16.03 -21.54 -33.92
CA ARG B 187 17.35 -22.04 -34.30
CA ARG B 187 17.40 -21.94 -34.22
C ARG B 187 17.86 -23.02 -33.25
N LYS B 188 17.73 -22.71 -31.94
CA LYS B 188 18.46 -23.44 -30.91
C LYS B 188 17.68 -24.53 -30.19
N SER B 189 16.34 -24.50 -30.13
CA SER B 189 15.65 -25.44 -29.26
C SER B 189 15.54 -26.82 -29.94
N ARG B 190 15.85 -27.87 -29.17
CA ARG B 190 15.65 -29.24 -29.63
C ARG B 190 14.62 -29.97 -28.77
N ILE B 191 13.78 -29.25 -28.00
CA ILE B 191 12.90 -29.90 -27.03
C ILE B 191 11.92 -30.85 -27.71
N LEU B 192 11.38 -30.53 -28.89
CA LEU B 192 10.42 -31.42 -29.54
C LEU B 192 11.09 -32.75 -29.87
N GLU B 193 12.33 -32.68 -30.39
CA GLU B 193 13.12 -33.86 -30.72
C GLU B 193 13.37 -34.67 -29.45
N ARG B 194 13.82 -34.00 -28.40
CA ARG B 194 14.15 -34.61 -27.12
C ARG B 194 12.95 -35.32 -26.49
N LEU B 195 11.76 -34.72 -26.61
CA LEU B 195 10.56 -35.24 -25.96
C LEU B 195 9.87 -36.26 -26.84
N GLY B 196 10.19 -36.26 -28.13
CA GLY B 196 9.58 -37.15 -29.11
C GLY B 196 8.20 -36.68 -29.55
N LEU B 197 7.97 -35.36 -29.64
CA LEU B 197 6.67 -34.79 -29.96
C LEU B 197 6.71 -34.27 -31.38
N GLN B 198 5.56 -34.14 -32.05
CA GLN B 198 5.53 -33.40 -33.29
C GLN B 198 4.63 -32.21 -33.10
N ALA B 199 4.76 -31.24 -34.02
CA ALA B 199 3.95 -30.05 -34.05
C ALA B 199 2.47 -30.43 -34.04
N LYS B 200 1.70 -29.72 -33.21
CA LYS B 200 0.27 -29.91 -33.11
C LYS B 200 -0.04 -31.32 -32.61
N GLY B 201 0.89 -32.00 -31.92
CA GLY B 201 0.64 -33.36 -31.46
C GLY B 201 0.55 -33.48 -29.95
N TYR B 202 0.35 -32.36 -29.24
CA TYR B 202 0.36 -32.41 -27.80
C TYR B 202 -0.34 -31.18 -27.23
N VAL B 203 -0.66 -31.29 -25.94
CA VAL B 203 -1.22 -30.16 -25.18
C VAL B 203 -0.13 -29.74 -24.20
N LEU B 204 0.09 -28.44 -24.00
CA LEU B 204 1.05 -27.97 -23.02
C LEU B 204 0.32 -27.43 -21.78
N ALA B 205 0.85 -27.75 -20.58
CA ALA B 205 0.25 -27.37 -19.31
C ALA B 205 1.31 -26.80 -18.38
N THR B 206 1.01 -25.65 -17.73
CA THR B 206 1.73 -25.19 -16.55
C THR B 206 0.71 -24.78 -15.51
N ILE B 207 1.04 -25.05 -14.24
CA ILE B 207 0.17 -24.77 -13.11
C ILE B 207 1.08 -24.36 -11.97
N HIS B 208 0.91 -23.16 -11.43
CA HIS B 208 1.77 -22.72 -10.31
C HIS B 208 1.03 -21.87 -9.28
N ARG B 209 -0.28 -21.58 -9.45
CA ARG B 209 -0.93 -20.65 -8.53
C ARG B 209 -1.20 -21.36 -7.20
N ALA B 210 -0.90 -20.65 -6.11
CA ALA B 210 -1.16 -21.13 -4.75
C ALA B 210 -2.56 -21.70 -4.63
N GLU B 211 -3.59 -21.00 -5.14
CA GLU B 211 -4.97 -21.46 -4.96
C GLU B 211 -5.16 -22.83 -5.62
N ASN B 212 -4.34 -23.17 -6.62
CA ASN B 212 -4.51 -24.43 -7.31
C ASN B 212 -3.62 -25.52 -6.74
N THR B 213 -2.56 -25.16 -6.01
CA THR B 213 -1.59 -26.16 -5.59
C THR B 213 -1.61 -26.41 -4.08
N ASP B 214 -2.28 -25.53 -3.31
CA ASP B 214 -2.28 -25.63 -1.86
C ASP B 214 -3.51 -26.34 -1.32
N ASP B 215 -4.47 -26.75 -2.17
CA ASP B 215 -5.61 -27.56 -1.77
C ASP B 215 -5.51 -28.94 -2.45
N GLN B 216 -5.46 -30.00 -1.65
CA GLN B 216 -5.22 -31.35 -2.13
C GLN B 216 -6.25 -31.72 -3.19
N GLU B 217 -7.53 -31.51 -2.89
CA GLU B 217 -8.54 -32.04 -3.79
C GLU B 217 -8.63 -31.17 -5.05
N ARG B 218 -8.33 -29.87 -4.95
CA ARG B 218 -8.32 -29.01 -6.12
C ARG B 218 -7.15 -29.38 -7.04
N LEU B 219 -5.98 -29.61 -6.47
CA LEU B 219 -4.85 -30.03 -7.25
C LEU B 219 -5.12 -31.41 -7.86
N ARG B 220 -5.80 -32.30 -7.14
CA ARG B 220 -6.16 -33.60 -7.68
C ARG B 220 -7.08 -33.44 -8.89
N VAL B 221 -8.04 -32.51 -8.84
CA VAL B 221 -8.92 -32.26 -9.98
C VAL B 221 -8.06 -31.95 -11.22
N ILE B 222 -7.07 -31.06 -11.08
CA ILE B 222 -6.21 -30.65 -12.19
C ILE B 222 -5.39 -31.84 -12.72
N LEU B 223 -4.69 -32.53 -11.82
CA LEU B 223 -3.79 -33.61 -12.23
C LEU B 223 -4.58 -34.77 -12.87
N GLU B 224 -5.74 -35.12 -12.30
CA GLU B 224 -6.61 -36.15 -12.88
C GLU B 224 -7.16 -35.71 -14.26
N ALA B 225 -7.55 -34.44 -14.42
CA ALA B 225 -8.01 -33.93 -15.70
C ALA B 225 -6.91 -34.09 -16.74
N LEU B 226 -5.68 -33.73 -16.38
CA LEU B 226 -4.58 -33.79 -17.33
C LEU B 226 -4.28 -35.25 -17.70
N ALA B 227 -4.36 -36.17 -16.73
CA ALA B 227 -4.19 -37.59 -17.01
C ALA B 227 -5.24 -38.07 -18.02
N GLU B 228 -6.49 -37.59 -17.88
CA GLU B 228 -7.57 -37.98 -18.78
C GLU B 228 -7.31 -37.39 -20.16
N VAL B 229 -6.90 -36.12 -20.22
CA VAL B 229 -6.68 -35.51 -21.52
C VAL B 229 -5.59 -36.30 -22.26
N HIS B 230 -4.55 -36.67 -21.51
CA HIS B 230 -3.38 -37.37 -22.02
C HIS B 230 -3.74 -38.67 -22.77
N GLN B 231 -4.79 -39.36 -22.33
CA GLN B 231 -5.25 -40.57 -23.01
C GLN B 231 -5.66 -40.28 -24.46
N GLU B 232 -6.08 -39.04 -24.76
CA GLU B 232 -6.47 -38.70 -26.12
C GLU B 232 -5.36 -37.95 -26.85
N VAL B 233 -4.62 -37.12 -26.14
CA VAL B 233 -3.59 -36.29 -26.75
C VAL B 233 -2.51 -36.07 -25.71
N PRO B 234 -1.23 -36.34 -26.00
CA PRO B 234 -0.21 -36.28 -24.97
C PRO B 234 -0.20 -34.90 -24.31
N VAL B 235 0.01 -34.92 -22.99
CA VAL B 235 0.12 -33.70 -22.21
C VAL B 235 1.57 -33.52 -21.77
N VAL B 236 2.16 -32.42 -22.25
CA VAL B 236 3.49 -31.97 -21.84
C VAL B 236 3.35 -30.94 -20.73
N PHE B 237 3.96 -31.24 -19.58
CA PHE B 237 3.73 -30.50 -18.35
C PHE B 237 5.08 -30.23 -17.69
N PRO B 238 5.73 -29.08 -17.97
CA PRO B 238 6.85 -28.59 -17.17
C PRO B 238 6.29 -28.16 -15.82
N VAL B 239 6.66 -28.89 -14.77
CA VAL B 239 6.02 -28.73 -13.49
C VAL B 239 6.82 -27.73 -12.65
N HIS B 240 6.15 -26.67 -12.22
CA HIS B 240 6.77 -25.73 -11.29
C HIS B 240 7.28 -26.53 -10.09
N PRO B 241 8.50 -26.26 -9.57
CA PRO B 241 9.03 -27.00 -8.41
C PRO B 241 8.10 -27.00 -7.19
N ARG B 242 7.40 -25.89 -6.97
CA ARG B 242 6.50 -25.81 -5.83
C ARG B 242 5.26 -26.67 -6.10
N THR B 243 4.76 -26.67 -7.34
CA THR B 243 3.69 -27.59 -7.72
C THR B 243 4.12 -29.05 -7.46
N ARG B 244 5.35 -29.41 -7.83
CA ARG B 244 5.81 -30.78 -7.63
C ARG B 244 5.94 -31.11 -6.12
N LYS B 245 6.50 -30.20 -5.32
CA LYS B 245 6.61 -30.37 -3.88
C LYS B 245 5.22 -30.59 -3.27
N ARG B 246 4.26 -29.72 -3.61
CA ARG B 246 2.92 -29.88 -3.08
C ARG B 246 2.32 -31.22 -3.47
N ALA B 247 2.47 -31.58 -4.75
CA ALA B 247 1.92 -32.82 -5.28
C ALA B 247 2.50 -34.01 -4.50
N GLU B 248 3.82 -34.06 -4.35
CA GLU B 248 4.46 -35.09 -3.55
C GLU B 248 3.95 -35.10 -2.11
N ALA B 249 3.88 -33.95 -1.43
CA ALA B 249 3.45 -33.88 -0.04
C ALA B 249 2.02 -34.38 0.15
N PHE B 250 1.16 -34.13 -0.84
CA PHE B 250 -0.22 -34.56 -0.77
C PHE B 250 -0.39 -36.02 -1.21
N GLY B 251 0.70 -36.62 -1.70
CA GLY B 251 0.64 -38.02 -2.11
C GLY B 251 0.10 -38.21 -3.51
N LEU B 252 0.18 -37.18 -4.36
CA LEU B 252 -0.42 -37.18 -5.69
C LEU B 252 0.64 -37.34 -6.77
N GLY B 253 1.86 -37.68 -6.39
CA GLY B 253 2.92 -37.73 -7.38
C GLY B 253 2.72 -38.77 -8.48
N SER B 254 1.96 -39.82 -8.19
CA SER B 254 1.74 -40.83 -9.22
C SER B 254 0.98 -40.24 -10.42
N TYR B 255 0.19 -39.18 -10.22
CA TYR B 255 -0.47 -38.51 -11.35
C TYR B 255 0.52 -37.89 -12.34
N LEU B 256 1.67 -37.44 -11.87
CA LEU B 256 2.65 -36.87 -12.77
C LEU B 256 3.23 -37.92 -13.71
N GLU B 257 3.15 -39.23 -13.36
CA GLU B 257 3.63 -40.29 -14.24
C GLU B 257 2.64 -40.59 -15.37
N LYS B 258 1.43 -40.03 -15.30
CA LYS B 258 0.40 -40.36 -16.26
C LYS B 258 0.35 -39.33 -17.38
N VAL B 259 1.32 -38.39 -17.40
CA VAL B 259 1.46 -37.38 -18.45
C VAL B 259 2.94 -37.27 -18.76
N VAL B 260 3.33 -36.39 -19.69
CA VAL B 260 4.74 -36.11 -19.92
C VAL B 260 5.18 -34.98 -18.99
N ALA B 261 5.48 -35.33 -17.74
CA ALA B 261 5.93 -34.36 -16.76
C ALA B 261 7.42 -34.12 -16.95
N LEU B 262 7.82 -32.84 -16.91
CA LEU B 262 9.19 -32.40 -17.09
C LEU B 262 9.52 -31.51 -15.90
N GLU B 263 10.81 -31.28 -15.73
CA GLU B 263 11.28 -30.16 -14.94
C GLU B 263 10.94 -28.87 -15.70
N PRO B 264 10.98 -27.72 -15.01
CA PRO B 264 10.86 -26.41 -15.66
C PRO B 264 11.85 -26.25 -16.81
N VAL B 265 11.42 -25.61 -17.89
CA VAL B 265 12.27 -25.42 -19.07
C VAL B 265 12.66 -23.96 -19.16
N GLY B 266 13.73 -23.71 -19.91
CA GLY B 266 14.14 -22.34 -20.17
C GLY B 266 13.22 -21.68 -21.20
N TYR B 267 13.38 -20.37 -21.33
CA TYR B 267 12.47 -19.58 -22.12
C TYR B 267 12.45 -20.07 -23.57
N LEU B 268 13.60 -20.37 -24.18
CA LEU B 268 13.62 -20.74 -25.60
C LEU B 268 12.86 -22.06 -25.83
N ASP B 269 13.09 -23.05 -24.96
CA ASP B 269 12.35 -24.29 -25.03
C ASP B 269 10.85 -24.04 -24.76
N MET B 270 10.52 -23.06 -23.93
CA MET B 270 9.13 -22.75 -23.66
C MET B 270 8.47 -22.20 -24.92
N VAL B 271 9.15 -21.28 -25.62
CA VAL B 271 8.64 -20.74 -26.87
C VAL B 271 8.30 -21.88 -27.83
N MET B 272 9.17 -22.87 -27.91
CA MET B 272 9.05 -23.95 -28.88
CA MET B 272 9.00 -23.90 -28.92
C MET B 272 7.87 -24.85 -28.51
N LEU B 273 7.74 -25.14 -27.21
CA LEU B 273 6.60 -25.92 -26.73
C LEU B 273 5.27 -25.19 -27.01
N GLU B 274 5.23 -23.88 -26.74
CA GLU B 274 3.99 -23.12 -26.80
C GLU B 274 3.53 -23.01 -28.24
N LYS B 275 4.47 -22.61 -29.10
CA LYS B 275 4.24 -22.39 -30.52
C LYS B 275 3.68 -23.62 -31.22
N ASN B 276 4.14 -24.81 -30.79
CA ASN B 276 3.85 -26.05 -31.48
C ASN B 276 2.75 -26.83 -30.77
N ALA B 277 2.16 -26.27 -29.70
CA ALA B 277 1.14 -27.02 -29.00
C ALA B 277 -0.17 -26.95 -29.80
N ARG B 278 -1.01 -27.93 -29.57
CA ARG B 278 -2.38 -27.92 -30.09
C ARG B 278 -3.28 -27.03 -29.23
N LEU B 279 -3.00 -27.02 -27.93
CA LEU B 279 -3.73 -26.25 -26.95
C LEU B 279 -2.81 -26.08 -25.74
N ILE B 280 -2.97 -24.95 -25.06
CA ILE B 280 -2.25 -24.65 -23.85
C ILE B 280 -3.27 -24.51 -22.74
N VAL B 281 -3.00 -25.18 -21.60
CA VAL B 281 -3.84 -25.11 -20.43
C VAL B 281 -2.96 -24.64 -19.29
N THR B 282 -3.35 -23.54 -18.65
CA THR B 282 -2.43 -22.88 -17.73
C THR B 282 -3.18 -22.09 -16.65
N ASP B 283 -2.49 -21.75 -15.53
CA ASP B 283 -2.96 -20.71 -14.64
C ASP B 283 -1.98 -19.54 -14.63
N SER B 284 -1.03 -19.52 -15.57
CA SER B 284 -0.06 -18.44 -15.71
C SER B 284 -0.61 -17.24 -16.51
N GLY B 285 -0.32 -16.02 -16.03
CA GLY B 285 -0.65 -14.82 -16.79
C GLY B 285 0.17 -14.67 -18.06
N GLY B 286 1.47 -14.90 -17.93
CA GLY B 286 2.33 -14.82 -19.11
C GLY B 286 1.99 -15.85 -20.19
N VAL B 287 1.75 -17.12 -19.80
CA VAL B 287 1.47 -18.17 -20.78
C VAL B 287 0.14 -17.93 -21.49
N GLN B 288 -0.88 -17.36 -20.80
CA GLN B 288 -2.15 -17.04 -21.43
C GLN B 288 -1.90 -16.15 -22.64
N LYS B 289 -1.12 -15.09 -22.41
CA LYS B 289 -0.77 -14.16 -23.46
C LYS B 289 0.06 -14.83 -24.57
N GLU B 290 1.03 -15.67 -24.19
CA GLU B 290 1.92 -16.27 -25.16
C GLU B 290 1.13 -17.25 -26.04
N ALA B 291 0.16 -17.95 -25.45
CA ALA B 291 -0.72 -18.80 -26.26
C ALA B 291 -1.38 -17.97 -27.37
N TYR B 292 -1.90 -16.80 -27.02
CA TYR B 292 -2.44 -15.86 -28.01
C TYR B 292 -1.36 -15.40 -28.99
N PHE B 293 -0.11 -15.13 -28.57
CA PHE B 293 0.92 -14.69 -29.51
C PHE B 293 1.06 -15.69 -30.67
N TYR B 294 0.95 -16.99 -30.36
CA TYR B 294 1.19 -18.04 -31.35
C TYR B 294 -0.11 -18.53 -31.94
N ARG B 295 -1.24 -17.90 -31.57
CA ARG B 295 -2.55 -18.23 -32.11
C ARG B 295 -2.87 -19.69 -31.81
N VAL B 296 -2.58 -20.10 -30.57
CA VAL B 296 -2.92 -21.42 -30.07
C VAL B 296 -4.01 -21.26 -29.01
N PRO B 297 -5.14 -22.01 -29.07
CA PRO B 297 -6.23 -21.86 -28.09
C PRO B 297 -5.73 -22.14 -26.66
N CYS B 298 -6.34 -21.45 -25.70
CA CYS B 298 -5.88 -21.47 -24.31
C CYS B 298 -7.08 -21.75 -23.41
N VAL B 299 -6.84 -22.55 -22.33
CA VAL B 299 -7.79 -22.73 -21.24
C VAL B 299 -7.10 -22.30 -19.95
N THR B 300 -7.72 -21.38 -19.21
CA THR B 300 -7.12 -20.83 -18.00
C THR B 300 -7.84 -21.47 -16.81
N VAL B 301 -7.07 -22.15 -15.95
CA VAL B 301 -7.59 -22.94 -14.84
C VAL B 301 -7.70 -22.02 -13.63
N ARG B 302 -8.68 -21.09 -13.71
CA ARG B 302 -8.95 -20.05 -12.72
C ARG B 302 -10.43 -19.69 -12.71
N GLU B 303 -10.86 -18.92 -11.69
CA GLU B 303 -12.17 -18.32 -11.61
C GLU B 303 -12.25 -16.96 -12.34
N GLU B 304 -11.12 -16.36 -12.68
CA GLU B 304 -11.13 -15.12 -13.44
C GLU B 304 -9.76 -14.93 -14.09
N THR B 305 -9.68 -13.98 -15.03
CA THR B 305 -8.39 -13.53 -15.52
C THR B 305 -8.44 -12.01 -15.64
N GLU B 306 -7.27 -11.39 -15.50
CA GLU B 306 -7.09 -9.96 -15.73
C GLU B 306 -6.97 -9.67 -17.23
N TRP B 307 -6.65 -10.70 -18.04
CA TRP B 307 -6.38 -10.51 -19.46
C TRP B 307 -7.68 -10.71 -20.24
N VAL B 308 -8.67 -9.85 -19.97
CA VAL B 308 -10.05 -10.10 -20.40
C VAL B 308 -10.20 -10.04 -21.91
N GLU B 309 -9.35 -9.26 -22.59
CA GLU B 309 -9.35 -9.20 -24.05
C GLU B 309 -9.19 -10.58 -24.68
N LEU B 310 -8.52 -11.51 -24.00
CA LEU B 310 -8.33 -12.85 -24.54
C LEU B 310 -9.61 -13.66 -24.51
N LEU B 311 -10.43 -13.47 -23.46
CA LEU B 311 -11.75 -14.06 -23.38
C LEU B 311 -12.68 -13.47 -24.45
N LYS B 312 -12.66 -12.17 -24.67
CA LYS B 312 -13.57 -11.53 -25.61
CA LYS B 312 -13.56 -11.53 -25.62
C LYS B 312 -13.26 -11.98 -27.04
N ALA B 313 -11.97 -12.10 -27.38
CA ALA B 313 -11.50 -12.51 -28.69
C ALA B 313 -11.55 -14.03 -28.90
N GLU B 314 -11.97 -14.76 -27.85
CA GLU B 314 -12.25 -16.19 -27.87
C GLU B 314 -10.98 -17.05 -28.06
N TRP B 315 -9.82 -16.51 -27.65
CA TRP B 315 -8.54 -17.21 -27.65
C TRP B 315 -8.29 -17.94 -26.33
N ASN B 316 -9.03 -17.51 -25.30
CA ASN B 316 -8.91 -18.02 -23.95
C ASN B 316 -10.33 -18.29 -23.45
N TYR B 317 -10.42 -19.16 -22.44
CA TYR B 317 -11.64 -19.71 -21.89
C TYR B 317 -11.31 -20.17 -20.46
N LEU B 318 -12.10 -19.74 -19.48
CA LEU B 318 -11.87 -20.06 -18.08
C LEU B 318 -12.52 -21.41 -17.78
N ALA B 319 -11.80 -22.24 -17.02
CA ALA B 319 -12.32 -23.50 -16.53
C ALA B 319 -11.86 -23.68 -15.10
N ALA B 320 -12.69 -23.26 -14.15
CA ALA B 320 -12.31 -23.42 -12.75
C ALA B 320 -12.24 -24.92 -12.45
N PRO B 321 -11.27 -25.36 -11.63
CA PRO B 321 -11.06 -26.79 -11.41
C PRO B 321 -12.03 -27.36 -10.38
N GLN B 322 -13.28 -27.58 -10.78
CA GLN B 322 -14.24 -28.10 -9.81
C GLN B 322 -14.41 -29.61 -9.92
N ASN B 323 -14.29 -30.12 -11.15
CA ASN B 323 -14.56 -31.51 -11.47
C ASN B 323 -13.58 -31.97 -12.55
N ALA B 324 -12.87 -33.05 -12.29
CA ALA B 324 -11.82 -33.55 -13.18
C ALA B 324 -12.36 -33.84 -14.57
N LYS B 325 -13.50 -34.54 -14.64
CA LYS B 325 -14.10 -34.94 -15.90
C LYS B 325 -14.48 -33.70 -16.73
N ASP B 326 -15.16 -32.76 -16.09
CA ASP B 326 -15.66 -31.59 -16.79
C ASP B 326 -14.48 -30.78 -17.32
N LEU B 327 -13.43 -30.62 -16.49
CA LEU B 327 -12.25 -29.87 -16.91
C LEU B 327 -11.56 -30.55 -18.08
N ALA B 328 -11.44 -31.89 -18.05
CA ALA B 328 -10.87 -32.61 -19.18
C ALA B 328 -11.68 -32.38 -20.45
N LEU B 329 -13.01 -32.50 -20.36
CA LEU B 329 -13.83 -32.36 -21.54
C LEU B 329 -13.71 -30.96 -22.10
N THR B 330 -13.66 -29.96 -21.20
CA THR B 330 -13.48 -28.58 -21.64
C THR B 330 -12.19 -28.44 -22.44
N ILE B 331 -11.10 -29.00 -21.92
CA ILE B 331 -9.80 -28.93 -22.54
C ILE B 331 -9.86 -29.56 -23.93
N LEU B 332 -10.49 -30.73 -24.05
CA LEU B 332 -10.56 -31.41 -25.34
C LEU B 332 -11.44 -30.65 -26.33
N HIS B 333 -12.50 -29.99 -25.84
CA HIS B 333 -13.41 -29.28 -26.72
C HIS B 333 -12.75 -28.00 -27.25
N ARG B 334 -11.96 -27.32 -26.40
CA ARG B 334 -11.36 -26.04 -26.78
C ARG B 334 -10.16 -26.21 -27.72
N MET B 335 -9.56 -27.40 -27.73
CA MET B 335 -8.44 -27.75 -28.60
C MET B 335 -8.82 -27.60 -30.07
N ARG B 336 -10.13 -27.70 -30.34
CA ARG B 336 -10.63 -27.59 -31.70
C ARG B 336 -11.13 -26.17 -31.97
N THR B 337 -10.73 -25.18 -31.15
CA THR B 337 -11.25 -23.83 -31.36
C THR B 337 -10.12 -22.88 -31.75
N LYS B 338 -10.52 -21.72 -32.27
CA LYS B 338 -9.62 -20.63 -32.53
C LYS B 338 -10.36 -19.35 -32.19
N GLY B 339 -9.62 -18.29 -31.83
CA GLY B 339 -10.20 -16.98 -31.61
C GLY B 339 -10.21 -16.12 -32.87
N VAL B 340 -10.63 -14.88 -32.71
CA VAL B 340 -10.70 -13.97 -33.84
C VAL B 340 -9.34 -13.30 -34.02
N GLU B 341 -9.00 -12.96 -35.26
CA GLU B 341 -7.77 -12.26 -35.53
C GLU B 341 -7.85 -10.85 -34.97
N ILE B 342 -6.86 -10.48 -34.16
CA ILE B 342 -6.86 -9.19 -33.51
C ILE B 342 -5.45 -8.96 -32.99
N ASP B 343 -5.09 -7.68 -32.92
CA ASP B 343 -3.75 -7.26 -32.59
C ASP B 343 -3.80 -6.68 -31.17
N LEU B 344 -3.32 -7.46 -30.21
CA LEU B 344 -3.31 -7.06 -28.81
C LEU B 344 -1.85 -6.86 -28.43
N TYR B 345 -1.62 -6.05 -27.43
CA TYR B 345 -0.37 -5.98 -26.70
C TYR B 345 0.73 -5.17 -27.37
N GLY B 346 0.42 -4.46 -28.47
CA GLY B 346 1.31 -3.44 -29.00
C GLY B 346 2.17 -4.01 -30.14
N ASP B 347 3.27 -3.33 -30.46
CA ASP B 347 4.00 -3.58 -31.70
C ASP B 347 5.32 -4.28 -31.42
N GLY B 348 5.56 -4.68 -30.17
CA GLY B 348 6.81 -5.32 -29.81
C GLY B 348 7.86 -4.32 -29.34
N ARG B 349 7.44 -3.06 -29.23
CA ARG B 349 8.35 -1.99 -28.86
C ARG B 349 7.86 -1.29 -27.58
N ALA B 350 7.19 -2.05 -26.71
CA ALA B 350 6.78 -1.49 -25.43
C ALA B 350 8.00 -0.97 -24.65
N SER B 351 9.10 -1.72 -24.70
CA SER B 351 10.29 -1.43 -23.95
C SER B 351 10.92 -0.10 -24.41
N GLN B 352 10.89 0.16 -25.72
CA GLN B 352 11.38 1.42 -26.28
C GLN B 352 10.53 2.59 -25.78
N LYS B 353 9.19 2.41 -25.81
CA LYS B 353 8.30 3.43 -25.30
C LYS B 353 8.56 3.71 -23.82
N ILE B 354 8.73 2.64 -23.02
CA ILE B 354 9.07 2.79 -21.62
C ILE B 354 10.37 3.58 -21.48
N SER B 355 11.43 3.18 -22.16
CA SER B 355 12.71 3.86 -22.02
C SER B 355 12.59 5.34 -22.38
N ASP B 356 11.80 5.65 -23.43
CA ASP B 356 11.62 7.02 -23.89
C ASP B 356 10.96 7.86 -22.78
N PHE B 357 9.96 7.28 -22.11
CA PHE B 357 9.28 8.00 -21.05
C PHE B 357 10.20 8.20 -19.84
N LEU B 358 10.94 7.15 -19.45
CA LEU B 358 11.85 7.28 -18.33
C LEU B 358 12.91 8.36 -18.58
N ARG B 359 13.38 8.51 -19.81
CA ARG B 359 14.50 9.39 -20.08
C ARG B 359 14.05 10.85 -20.28
N LYS B 360 12.76 11.10 -20.54
CA LYS B 360 12.36 12.46 -20.85
C LYS B 360 11.41 13.05 -19.80
N VAL B 361 11.02 12.28 -18.78
CA VAL B 361 9.95 12.68 -17.90
C VAL B 361 10.33 13.97 -17.14
N GLY B 362 11.61 14.14 -16.76
CA GLY B 362 12.04 15.33 -16.05
C GLY B 362 12.38 15.06 -14.58
N ILE B 363 13.20 15.96 -14.01
CA ILE B 363 13.64 15.91 -12.62
C ILE B 363 12.80 16.91 -11.80
N1 MJ3 C . -2.39 16.30 22.57
C2 MJ3 C . -2.19 15.98 23.93
O2 MJ3 C . -2.97 15.21 24.57
N3 MJ3 C . -1.15 16.54 24.52
C4 MJ3 C . -0.30 17.38 23.85
O4 MJ3 C . 0.69 17.82 24.52
C5 MJ3 C . -0.47 17.67 22.56
C6 MJ3 C . -1.53 17.15 21.92
PA MJ3 C . -0.89 14.99 17.41
PB MJ3 C . -2.14 14.88 14.83
O'P MJ3 C . -4.15 9.16 14.14
O'Q MJ3 C . -2.32 8.86 12.81
C1' MJ3 C . -1.69 12.92 13.08
O1A MJ3 C . -0.89 16.51 17.26
O1B MJ3 C . -1.40 15.85 13.96
C1C MJ3 C . -3.53 15.64 21.92
C2' MJ3 C . -2.18 13.34 11.70
N2' MJ3 C . -1.23 12.83 10.73
O2A MJ3 C . 0.42 14.48 17.82
O2B MJ3 C . -3.42 15.39 15.50
C2C MJ3 C . -4.57 16.53 21.31
O2C MJ3 C . -5.58 16.89 22.21
C3' MJ3 C . -3.62 12.84 11.47
N3' MJ3 C . -4.14 13.15 10.14
O3A MJ3 C . -1.07 14.40 15.90
O3B MJ3 C . -2.56 13.57 14.01
C3C MJ3 C . -5.11 15.65 20.22
O3C MJ3 C . -6.21 14.83 20.67
C4' MJ3 C . -3.79 11.36 11.78
O4' MJ3 C . -5.22 11.12 11.98
C4C MJ3 C . -3.91 14.79 19.82
O4C MJ3 C . -2.99 14.85 20.89
C5' MJ3 C . -3.18 11.08 13.15
O5' MJ3 C . -1.82 11.48 13.25
C5C MJ3 C . -3.21 15.27 18.58
O5C MJ3 C . -2.07 14.43 18.32
C6' MJ3 C . -3.23 9.57 13.38
C7' MJ3 C . 0.00 13.38 10.60
O7' MJ3 C . 0.34 14.41 11.16
C8' MJ3 C . 1.01 12.57 9.83
O43 MJ3 C . -5.38 14.93 10.88
C41 MJ3 C . -4.97 14.20 9.93
C42 MJ3 C . -5.30 14.48 8.49
CL CL D . 2.67 18.33 19.66
CL CL E . -22.35 27.09 16.73
N1 MJ3 F . 8.09 -20.16 -18.49
C2 MJ3 F . 9.32 -20.77 -18.82
O2 MJ3 F . 10.25 -20.17 -19.42
N3 MJ3 F . 9.50 -22.04 -18.42
C4 MJ3 F . 8.54 -22.73 -17.82
O4 MJ3 F . 8.84 -23.92 -17.54
C5 MJ3 F . 7.37 -22.15 -17.52
C6 MJ3 F . 7.15 -20.89 -17.86
PA MJ3 F . 4.98 -17.73 -14.56
PB MJ3 F . 3.06 -15.61 -14.34
O'P MJ3 F . 5.78 -10.32 -13.25
O'Q MJ3 F . 5.01 -10.48 -11.15
C1' MJ3 F . 2.90 -13.80 -12.38
O1A MJ3 F . 3.92 -18.55 -15.21
O1B MJ3 F . 1.79 -16.16 -13.85
C1C MJ3 F . 7.91 -18.73 -18.85
C2' MJ3 F . 1.50 -13.22 -12.46
N2' MJ3 F . 1.12 -12.93 -11.13
O2A MJ3 F . 5.77 -18.30 -13.45
O2B MJ3 F . 3.18 -15.53 -15.83
C2C MJ3 F . 6.76 -18.37 -19.72
O2C MJ3 F . 7.08 -18.50 -21.12
C3' MJ3 F . 1.48 -12.00 -13.40
N3' MJ3 F . 0.20 -11.33 -13.36
O3A MJ3 F . 4.30 -16.46 -13.84
O3B MJ3 F . 3.30 -14.16 -13.71
C3C MJ3 F . 6.44 -16.93 -19.28
O3C MJ3 F . 7.17 -15.97 -20.00
C4' MJ3 F . 2.65 -11.03 -13.08
O4' MJ3 F . 2.83 -10.03 -14.14
C4C MJ3 F . 6.87 -16.86 -17.84
O4C MJ3 F . 7.70 -18.03 -17.63
C5' MJ3 F . 4.00 -11.76 -12.88
O5' MJ3 F . 3.87 -12.83 -11.95
C5C MJ3 F . 5.59 -16.86 -16.97
O5C MJ3 F . 5.95 -17.06 -15.61
C6' MJ3 F . 4.99 -10.76 -12.38
C7' MJ3 F . 0.71 -13.90 -10.25
O7' MJ3 F . 0.56 -15.04 -10.57
C8' MJ3 F . 0.53 -13.50 -8.80
O43 MJ3 F . -0.38 -11.82 -15.50
C41 MJ3 F . -0.64 -11.28 -14.42
C42 MJ3 F . -1.88 -10.49 -14.17
CL CL G . 5.01 -23.02 -14.07
#